data_8EGW
#
_entry.id   8EGW
#
_cell.length_a   88.660
_cell.length_b   61.370
_cell.length_c   100.966
_cell.angle_alpha   90.00
_cell.angle_beta   112.74
_cell.angle_gamma   90.00
#
_symmetry.space_group_name_H-M   'P 1 21 1'
#
loop_
_entity.id
_entity.type
_entity.pdbx_description
1 polymer Protocadherin-16
2 polymer 'Protocadherin Fat 4'
3 branched 2-acetamido-2-deoxy-beta-D-glucopyranose-(1-4)-2-acetamido-2-deoxy-beta-D-glucopyranose
4 branched alpha-D-mannopyranose-(1-3)-beta-D-mannopyranose-(1-4)-2-acetamido-2-deoxy-beta-D-glucopyranose-(1-4)-[alpha-L-fucopyranose-(1-3)][alpha-L-fucopyranose-(1-6)]2-acetamido-2-deoxy-beta-D-glucopyranose
5 branched 2-acetamido-2-deoxy-beta-D-glucopyranose-(1-4)-[alpha-L-fucopyranose-(1-6)]2-acetamido-2-deoxy-beta-D-glucopyranose
6 non-polymer 2-acetamido-2-deoxy-beta-D-glucopyranose
7 non-polymer 'CALCIUM ION'
8 non-polymer 'CACODYLATE ION'
9 non-polymer 1,2-ETHANEDIOL
10 water water
#
loop_
_entity_poly.entity_id
_entity_poly.type
_entity_poly.pdbx_seq_one_letter_code
_entity_poly.pdbx_strand_id
1 'polypeptide(L)'
;ADPQAGSLDLQIDEEQPAGTLIGDISAGLPAGTAAPLMYFISAQEGSGVGTDLAIDEHSGVVRTARVLDREQRDRYRFTA
VTPDGATVEVTVRVADINDHAPAFPQARAALQVPEHTAFGTRYPLEPARDADAGRLGTQGYALSGDGAGETFRLETRPGP
DGTPVPELVVTGELDRENRSHYMLQLEAYDGGSPPRRAQALLDVTLLDINDHAPAFNQSRYHAVVSESLAPGSPVLQVFA
SDADAGVNGAVTYEINRRQSEGDGPFSIDAHTGLLQLERPLDFEQRRVHELVVQARDGGAHPELGSAFVTVHVRDAN
;
A
2 'polypeptide(L)'
;MDLAPDRATGRPWLPLHTLSVSQLLRVFWLLSLLPGQAWVHGAEPRQVFQVLEEQPPGTLVGTIQTRPGFTYRLSESHAL
FAINSSTGALYTTSTIDRESLPSDVINLVVLSSAPTYPTEVRVLVRDLNDNAPVFPDPSIVVTFKEDSSSGRQVILDTAT
DSDIGSNGVDHRSYRIIRGNEAGRFRLDITLNPSGEGAFLHLVSKGGLDREVTPQYQLLVEVEDKGEPKRRGYLQVNVTV
QDINDNPPVFGSSHYQAGVPEDAVVGSSVLQVAAADADEGTNADIRYRLQDEGTPFQMDPETGLITVREPLDFEARRQYS
LTVQAMDRGVPSLTGRAEALIQLLDVNDNDPVVKFRYFPATSRYASVDENAQVGTVVALLTVTDADSPAANGNISVQILG
GNEQRHFEVQSSKVPNLSLIKVASALDRERIPSYNLTVSVSDNYGAPPGAAVQARSSVASLVIFVND
;
B
#
# COMPACT_ATOMS: atom_id res chain seq x y z
N ALA A 1 -55.89 -27.07 -8.87
CA ALA A 1 -57.07 -27.92 -8.85
C ALA A 1 -58.34 -27.07 -8.83
N ASP A 2 -58.19 -25.76 -8.63
CA ASP A 2 -59.33 -24.85 -8.56
C ASP A 2 -59.61 -24.25 -9.92
N PRO A 3 -60.77 -24.51 -10.53
CA PRO A 3 -61.02 -23.94 -11.87
C PRO A 3 -61.05 -22.42 -11.86
N GLN A 4 -61.33 -21.79 -10.71
CA GLN A 4 -61.46 -20.33 -10.68
C GLN A 4 -60.12 -19.61 -10.79
N ALA A 5 -59.00 -20.28 -10.49
CA ALA A 5 -57.70 -19.60 -10.41
C ALA A 5 -56.63 -20.53 -10.97
N GLY A 6 -56.25 -20.31 -12.24
CA GLY A 6 -55.23 -21.08 -12.90
C GLY A 6 -53.96 -20.29 -13.11
N SER A 7 -52.99 -20.95 -13.74
CA SER A 7 -51.74 -20.30 -14.06
C SER A 7 -51.21 -20.83 -15.38
N LEU A 8 -50.35 -20.04 -16.01
CA LEU A 8 -49.78 -20.35 -17.31
C LEU A 8 -48.35 -19.83 -17.38
N ASP A 9 -47.44 -20.68 -17.82
CA ASP A 9 -46.04 -20.33 -17.99
C ASP A 9 -45.70 -20.33 -19.46
N LEU A 10 -45.36 -19.16 -20.00
CA LEU A 10 -44.98 -18.98 -21.38
C LEU A 10 -43.50 -18.58 -21.46
N GLN A 11 -42.93 -18.77 -22.65
CA GLN A 11 -41.50 -18.56 -22.91
C GLN A 11 -41.32 -17.92 -24.27
N ILE A 12 -40.29 -17.09 -24.40
CA ILE A 12 -40.03 -16.37 -25.64
C ILE A 12 -38.55 -15.99 -25.67
N ASP A 13 -37.95 -16.10 -26.86
CA ASP A 13 -36.56 -15.74 -27.05
C ASP A 13 -36.44 -14.23 -27.17
N GLU A 14 -35.40 -13.69 -26.55
CA GLU A 14 -35.05 -12.29 -26.71
C GLU A 14 -34.65 -12.01 -28.16
N GLU A 15 -34.72 -10.73 -28.54
CA GLU A 15 -34.23 -10.20 -29.82
C GLU A 15 -35.03 -10.68 -31.01
N GLN A 16 -36.29 -11.09 -30.81
CA GLN A 16 -37.16 -11.49 -31.90
C GLN A 16 -37.92 -10.28 -32.42
N PRO A 17 -38.51 -10.38 -33.63
CA PRO A 17 -39.25 -9.25 -34.17
C PRO A 17 -40.45 -8.88 -33.32
N ALA A 18 -40.74 -7.58 -33.30
CA ALA A 18 -42.02 -7.13 -32.75
C ALA A 18 -43.17 -7.77 -33.53
N GLY A 19 -44.15 -8.30 -32.80
CA GLY A 19 -45.25 -9.05 -33.39
C GLY A 19 -45.11 -10.55 -33.25
N THR A 20 -44.00 -11.04 -32.69
CA THR A 20 -43.76 -12.46 -32.53
C THR A 20 -44.80 -13.06 -31.58
N LEU A 21 -45.22 -14.29 -31.86
CA LEU A 21 -46.17 -14.98 -30.99
C LEU A 21 -45.51 -15.43 -29.69
N ILE A 22 -46.24 -15.26 -28.58
CA ILE A 22 -45.80 -15.75 -27.27
C ILE A 22 -46.66 -16.90 -26.79
N GLY A 23 -47.97 -16.72 -26.82
CA GLY A 23 -48.86 -17.78 -26.42
C GLY A 23 -50.30 -17.30 -26.42
N ASP A 24 -51.14 -18.07 -25.74
CA ASP A 24 -52.58 -17.79 -25.71
C ASP A 24 -53.09 -18.01 -24.29
N ILE A 25 -53.71 -16.97 -23.74
CA ILE A 25 -54.19 -17.00 -22.37
C ILE A 25 -55.20 -18.12 -22.14
N SER A 26 -56.02 -18.42 -23.17
CA SER A 26 -57.05 -19.43 -23.01
C SER A 26 -56.46 -20.80 -22.69
N ALA A 27 -55.21 -21.04 -23.10
CA ALA A 27 -54.57 -22.31 -22.76
C ALA A 27 -54.51 -22.53 -21.25
N GLY A 28 -54.55 -21.47 -20.44
CA GLY A 28 -54.53 -21.57 -18.99
C GLY A 28 -55.86 -21.78 -18.31
N LEU A 29 -56.96 -21.78 -19.07
CA LEU A 29 -58.28 -21.96 -18.49
C LEU A 29 -58.51 -23.45 -18.26
N PRO A 30 -59.50 -23.80 -17.43
CA PRO A 30 -59.93 -25.20 -17.35
C PRO A 30 -60.34 -25.67 -18.72
N ALA A 31 -59.99 -26.91 -19.03
CA ALA A 31 -60.33 -27.47 -20.33
C ALA A 31 -61.85 -27.54 -20.49
N GLY A 32 -62.33 -27.20 -21.68
CA GLY A 32 -63.76 -27.17 -21.91
C GLY A 32 -64.47 -25.92 -21.44
N THR A 33 -63.82 -24.78 -21.47
CA THR A 33 -64.43 -23.54 -21.05
C THR A 33 -65.03 -22.85 -22.27
N ALA A 34 -66.24 -22.35 -22.15
CA ALA A 34 -66.77 -21.46 -23.18
C ALA A 34 -65.83 -20.27 -23.31
N ALA A 35 -65.41 -19.99 -24.55
CA ALA A 35 -64.52 -18.87 -24.81
C ALA A 35 -65.10 -17.58 -24.26
N PRO A 36 -64.41 -16.89 -23.36
CA PRO A 36 -64.95 -15.65 -22.82
C PRO A 36 -65.01 -14.56 -23.88
N LEU A 37 -65.95 -13.64 -23.68
CA LEU A 37 -66.08 -12.52 -24.61
C LEU A 37 -64.87 -11.60 -24.57
N MET A 38 -64.28 -11.42 -23.40
CA MET A 38 -63.18 -10.48 -23.25
C MET A 38 -62.35 -10.87 -22.04
N TYR A 39 -61.13 -10.36 -21.98
CA TYR A 39 -60.30 -10.56 -20.80
C TYR A 39 -59.91 -9.22 -20.20
N PHE A 40 -60.00 -9.13 -18.89
CA PHE A 40 -59.36 -8.04 -18.16
C PHE A 40 -57.92 -8.43 -17.87
N ILE A 41 -57.01 -7.46 -18.00
CA ILE A 41 -55.58 -7.70 -17.75
C ILE A 41 -55.11 -6.89 -16.55
N SER A 42 -54.57 -7.56 -15.54
CA SER A 42 -53.98 -6.91 -14.37
C SER A 42 -52.48 -7.12 -14.40
N ALA A 43 -51.74 -6.02 -14.46
CA ALA A 43 -50.31 -6.04 -14.22
C ALA A 43 -49.97 -4.88 -13.30
N GLN A 44 -48.95 -5.12 -12.47
CA GLN A 44 -48.56 -4.10 -11.51
C GLN A 44 -47.77 -3.00 -12.20
N GLU A 45 -47.82 -1.82 -11.64
CA GLU A 45 -47.10 -0.70 -12.22
C GLU A 45 -45.61 -0.99 -12.21
N GLY A 46 -44.94 -0.68 -13.31
CA GLY A 46 -43.53 -0.97 -13.45
C GLY A 46 -43.22 -2.31 -14.06
N SER A 47 -44.23 -3.09 -14.41
CA SER A 47 -43.98 -4.44 -14.89
C SER A 47 -43.54 -4.48 -16.33
N GLY A 48 -43.73 -3.39 -17.08
CA GLY A 48 -43.44 -3.40 -18.50
C GLY A 48 -44.42 -4.17 -19.35
N VAL A 49 -45.53 -4.63 -18.77
CA VAL A 49 -46.44 -5.49 -19.53
C VAL A 49 -47.14 -4.69 -20.61
N GLY A 50 -47.60 -3.48 -20.28
CA GLY A 50 -48.32 -2.67 -21.24
C GLY A 50 -47.47 -2.23 -22.41
N THR A 51 -46.19 -2.00 -22.18
CA THR A 51 -45.33 -1.48 -23.23
C THR A 51 -44.65 -2.58 -24.06
N ASP A 52 -44.31 -3.71 -23.45
CA ASP A 52 -43.55 -4.72 -24.17
C ASP A 52 -44.43 -5.82 -24.77
N LEU A 53 -45.61 -6.02 -24.22
CA LEU A 53 -46.49 -7.09 -24.66
C LEU A 53 -47.74 -6.49 -25.30
N ALA A 54 -48.22 -7.19 -26.33
CA ALA A 54 -49.48 -6.86 -27.02
C ALA A 54 -50.45 -7.99 -26.76
N ILE A 55 -51.45 -7.74 -25.91
CA ILE A 55 -52.43 -8.75 -25.52
C ILE A 55 -53.77 -8.43 -26.19
N ASP A 56 -54.22 -9.33 -27.07
CA ASP A 56 -55.56 -9.26 -27.65
C ASP A 56 -56.59 -9.67 -26.60
N GLU A 57 -57.24 -8.66 -26.00
CA GLU A 57 -58.18 -8.91 -24.91
C GLU A 57 -59.45 -9.63 -25.37
N HIS A 58 -59.69 -9.78 -26.67
CA HIS A 58 -60.83 -10.57 -27.12
C HIS A 58 -60.47 -12.03 -27.34
N SER A 59 -59.36 -12.30 -28.03
CA SER A 59 -58.96 -13.67 -28.32
C SER A 59 -58.01 -14.27 -27.27
N GLY A 60 -57.31 -13.44 -26.50
CA GLY A 60 -56.39 -13.95 -25.51
C GLY A 60 -55.00 -14.30 -26.04
N VAL A 61 -54.68 -13.91 -27.27
CA VAL A 61 -53.37 -14.17 -27.86
C VAL A 61 -52.38 -13.12 -27.41
N VAL A 62 -51.19 -13.56 -27.00
CA VAL A 62 -50.14 -12.67 -26.50
C VAL A 62 -49.01 -12.63 -27.53
N ARG A 63 -48.67 -11.42 -27.98
CA ARG A 63 -47.51 -11.20 -28.82
C ARG A 63 -46.56 -10.22 -28.15
N THR A 64 -45.41 -10.00 -28.79
CA THR A 64 -44.49 -8.95 -28.37
C THR A 64 -44.89 -7.64 -29.05
N ALA A 65 -44.93 -6.58 -28.27
CA ALA A 65 -45.15 -5.24 -28.79
C ALA A 65 -43.85 -4.62 -29.29
N ARG A 66 -42.73 -5.31 -29.13
CA ARG A 66 -41.41 -4.76 -29.43
C ARG A 66 -40.37 -5.86 -29.31
N VAL A 67 -39.17 -5.56 -29.82
CA VAL A 67 -38.03 -6.47 -29.70
C VAL A 67 -37.59 -6.54 -28.24
N LEU A 68 -37.62 -7.73 -27.66
CA LEU A 68 -37.38 -7.88 -26.24
C LEU A 68 -35.92 -8.21 -25.96
N ASP A 69 -35.37 -7.58 -24.94
CA ASP A 69 -33.96 -7.73 -24.57
C ASP A 69 -33.90 -8.36 -23.19
N ARG A 70 -33.42 -9.61 -23.11
CA ARG A 70 -33.26 -10.29 -21.82
C ARG A 70 -32.36 -9.48 -20.90
N GLU A 71 -31.37 -8.83 -21.47
CA GLU A 71 -30.43 -8.07 -20.67
C GLU A 71 -31.10 -6.89 -20.01
N GLN A 72 -32.20 -6.43 -20.57
CA GLN A 72 -32.92 -5.30 -19.99
C GLN A 72 -34.04 -5.76 -19.07
N ARG A 73 -34.90 -6.65 -19.54
CA ARG A 73 -35.98 -7.22 -18.75
C ARG A 73 -36.13 -8.68 -19.13
N ASP A 74 -36.18 -9.55 -18.13
CA ASP A 74 -36.21 -10.99 -18.43
C ASP A 74 -37.52 -11.66 -18.04
N ARG A 75 -38.46 -10.93 -17.45
CA ARG A 75 -39.65 -11.57 -16.92
C ARG A 75 -40.83 -10.62 -16.94
N TYR A 76 -41.99 -11.14 -17.36
CA TYR A 76 -43.24 -10.41 -17.27
C TYR A 76 -44.27 -11.28 -16.56
N ARG A 77 -45.07 -10.64 -15.71
CA ARG A 77 -46.19 -11.31 -15.07
C ARG A 77 -47.42 -10.44 -15.13
N PHE A 78 -48.55 -11.06 -15.45
CA PHE A 78 -49.85 -10.41 -15.30
C PHE A 78 -50.89 -11.47 -14.95
N THR A 79 -52.07 -10.99 -14.57
CA THR A 79 -53.24 -11.84 -14.38
C THR A 79 -54.31 -11.50 -15.43
N ALA A 80 -54.87 -12.52 -16.06
CA ALA A 80 -56.03 -12.39 -16.92
C ALA A 80 -57.29 -12.77 -16.15
N VAL A 81 -58.34 -11.98 -16.32
CA VAL A 81 -59.61 -12.20 -15.62
C VAL A 81 -60.74 -12.25 -16.63
N THR A 82 -61.57 -13.29 -16.55
CA THR A 82 -62.76 -13.41 -17.36
C THR A 82 -63.85 -12.49 -16.83
N PRO A 83 -64.87 -12.19 -17.65
CA PRO A 83 -65.94 -11.30 -17.18
C PRO A 83 -66.75 -11.85 -16.02
N ASP A 84 -66.76 -13.18 -15.81
CA ASP A 84 -67.42 -13.74 -14.63
C ASP A 84 -66.48 -13.95 -13.44
N GLY A 85 -65.20 -13.60 -13.58
CA GLY A 85 -64.33 -13.52 -12.43
C GLY A 85 -63.34 -14.64 -12.20
N ALA A 86 -63.08 -15.48 -13.20
CA ALA A 86 -62.03 -16.48 -13.10
C ALA A 86 -60.70 -15.86 -13.53
N THR A 87 -59.62 -16.29 -12.89
CA THR A 87 -58.29 -15.74 -13.13
C THR A 87 -57.30 -16.77 -13.65
N VAL A 88 -56.42 -16.33 -14.54
CA VAL A 88 -55.27 -17.08 -15.01
C VAL A 88 -54.04 -16.23 -14.73
N GLU A 89 -53.11 -16.75 -13.93
CA GLU A 89 -51.86 -16.06 -13.62
C GLU A 89 -50.81 -16.51 -14.62
N VAL A 90 -50.32 -15.58 -15.43
CA VAL A 90 -49.40 -15.95 -16.49
C VAL A 90 -48.06 -15.28 -16.24
N THR A 91 -46.98 -16.04 -16.47
CA THR A 91 -45.64 -15.48 -16.48
C THR A 91 -44.99 -15.79 -17.82
N VAL A 92 -44.32 -14.78 -18.36
CA VAL A 92 -43.48 -14.93 -19.56
C VAL A 92 -42.03 -14.75 -19.15
N ARG A 93 -41.21 -15.78 -19.40
CA ARG A 93 -39.76 -15.73 -19.21
C ARG A 93 -39.10 -15.45 -20.54
N VAL A 94 -38.22 -14.46 -20.58
CA VAL A 94 -37.51 -14.09 -21.80
C VAL A 94 -36.25 -14.93 -21.87
N ALA A 95 -36.14 -15.72 -22.95
CA ALA A 95 -35.02 -16.64 -23.10
C ALA A 95 -33.75 -15.88 -23.54
N ASP A 96 -32.64 -16.22 -22.90
CA ASP A 96 -31.35 -15.60 -23.17
C ASP A 96 -30.75 -16.20 -24.45
N ILE A 97 -30.37 -15.34 -25.38
CA ILE A 97 -29.47 -15.73 -26.46
C ILE A 97 -28.08 -15.14 -26.22
N ASN A 98 -27.10 -15.66 -26.95
CA ASN A 98 -25.71 -15.26 -26.75
C ASN A 98 -25.34 -14.08 -27.65
N ASP A 99 -26.15 -13.02 -27.57
CA ASP A 99 -25.89 -11.81 -28.34
C ASP A 99 -24.82 -10.93 -27.73
N HIS A 100 -23.89 -11.50 -26.94
CA HIS A 100 -22.82 -10.71 -26.34
C HIS A 100 -21.55 -11.54 -26.30
N ALA A 101 -20.56 -11.03 -26.87
CA ALA A 101 -19.25 -11.65 -26.74
C ALA A 101 -18.49 -11.06 -25.54
N PRO A 102 -17.56 -11.81 -24.93
CA PRO A 102 -16.72 -11.20 -23.89
C PRO A 102 -15.94 -10.02 -24.46
N ALA A 103 -15.73 -9.00 -23.61
CA ALA A 103 -15.12 -7.74 -24.07
C ALA A 103 -14.25 -7.13 -22.98
N PHE A 104 -12.94 -6.98 -23.25
CA PHE A 104 -12.03 -6.29 -22.34
C PHE A 104 -12.14 -4.78 -22.54
N PRO A 105 -11.93 -3.99 -21.48
CA PRO A 105 -11.96 -2.53 -21.65
C PRO A 105 -10.85 -1.99 -22.52
N GLN A 106 -9.68 -2.65 -22.57
CA GLN A 106 -8.59 -2.24 -23.44
C GLN A 106 -8.05 -3.44 -24.21
N ALA A 107 -7.67 -3.20 -25.47
CA ALA A 107 -6.91 -4.19 -26.21
C ALA A 107 -5.46 -4.28 -25.75
N ARG A 108 -4.92 -3.22 -25.15
CA ARG A 108 -3.54 -3.17 -24.67
C ARG A 108 -3.53 -2.63 -23.25
N ALA A 109 -3.31 -3.51 -22.28
CA ALA A 109 -3.17 -3.11 -20.88
C ALA A 109 -1.70 -3.13 -20.47
N ALA A 110 -1.36 -2.27 -19.52
CA ALA A 110 0.01 -2.06 -19.07
C ALA A 110 0.05 -2.14 -17.56
N LEU A 111 0.81 -3.09 -17.04
CA LEU A 111 0.93 -3.32 -15.60
C LEU A 111 2.38 -3.13 -15.16
N GLN A 112 2.59 -2.33 -14.12
CA GLN A 112 3.92 -2.07 -13.58
C GLN A 112 4.08 -2.88 -12.32
N VAL A 113 5.09 -3.77 -12.29
CA VAL A 113 5.32 -4.59 -11.12
C VAL A 113 6.76 -4.42 -10.64
N PRO A 114 6.96 -4.07 -9.38
CA PRO A 114 8.32 -3.86 -8.87
C PRO A 114 9.18 -5.10 -9.00
N GLU A 115 10.43 -4.89 -9.41
CA GLU A 115 11.37 -6.00 -9.47
C GLU A 115 11.55 -6.59 -8.08
N HIS A 116 11.78 -7.91 -8.04
CA HIS A 116 11.90 -8.69 -6.79
C HIS A 116 10.64 -8.65 -5.95
N THR A 117 9.47 -8.57 -6.57
CA THR A 117 8.22 -8.60 -5.82
C THR A 117 8.00 -9.99 -5.21
N ALA A 118 7.54 -10.00 -3.96
CA ALA A 118 7.38 -11.25 -3.20
C ALA A 118 6.52 -12.26 -3.95
N PHE A 119 6.96 -13.53 -3.93
CA PHE A 119 6.19 -14.64 -4.45
C PHE A 119 4.75 -14.62 -3.93
N GLY A 120 3.79 -14.84 -4.83
CA GLY A 120 2.39 -14.88 -4.50
C GLY A 120 1.68 -13.55 -4.51
N THR A 121 2.35 -12.46 -4.85
CA THR A 121 1.65 -11.20 -4.97
C THR A 121 0.67 -11.26 -6.13
N ARG A 122 -0.52 -10.71 -5.91
CA ARG A 122 -1.65 -10.83 -6.83
C ARG A 122 -2.01 -9.47 -7.38
N TYR A 123 -2.19 -9.42 -8.69
CA TYR A 123 -2.59 -8.19 -9.38
C TYR A 123 -3.92 -8.47 -10.08
N PRO A 124 -5.03 -7.92 -9.61
CA PRO A 124 -6.32 -8.18 -10.28
C PRO A 124 -6.34 -7.51 -11.65
N LEU A 125 -6.77 -8.27 -12.65
CA LEU A 125 -6.84 -7.80 -14.02
C LEU A 125 -8.28 -7.42 -14.38
N GLU A 126 -8.41 -6.52 -15.35
CA GLU A 126 -9.74 -6.13 -15.80
C GLU A 126 -10.48 -7.33 -16.40
N PRO A 127 -11.71 -7.59 -16.00
CA PRO A 127 -12.43 -8.73 -16.55
C PRO A 127 -12.88 -8.46 -17.99
N ALA A 128 -13.26 -9.53 -18.65
CA ALA A 128 -13.98 -9.40 -19.90
C ALA A 128 -15.48 -9.35 -19.60
N ARG A 129 -16.10 -8.19 -19.86
CA ARG A 129 -17.55 -8.03 -19.70
C ARG A 129 -18.31 -8.95 -20.65
N ASP A 130 -19.44 -9.46 -20.19
CA ASP A 130 -20.33 -10.28 -21.02
C ASP A 130 -21.71 -10.19 -20.38
N ALA A 131 -22.64 -9.52 -21.04
CA ALA A 131 -23.91 -9.24 -20.38
C ALA A 131 -24.80 -10.45 -20.26
N ASP A 132 -24.56 -11.50 -21.04
CA ASP A 132 -25.42 -12.68 -21.05
C ASP A 132 -25.39 -13.41 -19.70
N ALA A 133 -26.36 -14.31 -19.53
CA ALA A 133 -26.60 -14.95 -18.25
C ALA A 133 -26.00 -16.36 -18.20
N GLY A 134 -25.49 -16.73 -17.03
CA GLY A 134 -25.07 -18.11 -16.80
C GLY A 134 -23.93 -18.52 -17.70
N ARG A 135 -24.06 -19.70 -18.31
CA ARG A 135 -23.04 -20.19 -19.25
C ARG A 135 -22.83 -19.25 -20.43
N LEU A 136 -23.78 -18.35 -20.70
CA LEU A 136 -23.64 -17.48 -21.84
C LEU A 136 -22.74 -16.30 -21.56
N GLY A 137 -22.49 -16.02 -20.27
CA GLY A 137 -21.52 -15.01 -19.86
C GLY A 137 -20.12 -15.59 -19.79
N THR A 138 -19.19 -14.75 -19.31
CA THR A 138 -17.77 -15.11 -19.35
C THR A 138 -17.48 -16.31 -18.46
N GLN A 139 -16.83 -17.32 -19.00
CA GLN A 139 -16.66 -18.58 -18.29
C GLN A 139 -15.25 -18.80 -17.78
N GLY A 140 -14.23 -18.36 -18.51
CA GLY A 140 -12.87 -18.68 -18.12
C GLY A 140 -11.86 -17.79 -18.81
N TYR A 141 -10.59 -18.02 -18.46
CA TYR A 141 -9.48 -17.25 -19.00
C TYR A 141 -8.31 -18.18 -19.32
N ALA A 142 -7.41 -17.69 -20.16
CA ALA A 142 -6.18 -18.41 -20.46
C ALA A 142 -5.09 -17.37 -20.74
N LEU A 143 -3.93 -17.57 -20.13
CA LEU A 143 -2.82 -16.65 -20.26
C LEU A 143 -1.69 -17.34 -21.03
N SER A 144 -1.11 -16.62 -22.00
CA SER A 144 0.00 -17.13 -22.82
C SER A 144 1.08 -16.06 -22.96
N GLY A 145 2.25 -16.49 -23.43
CA GLY A 145 3.37 -15.57 -23.61
C GLY A 145 4.54 -15.91 -22.71
N ASP A 146 5.55 -15.05 -22.78
CA ASP A 146 6.81 -15.33 -22.09
C ASP A 146 6.68 -15.09 -20.61
N GLY A 147 7.04 -16.09 -19.81
CA GLY A 147 6.85 -16.02 -18.39
C GLY A 147 5.51 -16.54 -17.93
N ALA A 148 4.57 -16.70 -18.85
CA ALA A 148 3.28 -17.28 -18.50
C ALA A 148 3.50 -18.74 -18.12
N GLY A 149 3.13 -19.10 -16.90
CA GLY A 149 3.34 -20.46 -16.44
C GLY A 149 4.45 -20.57 -15.42
N GLU A 150 5.63 -20.00 -15.71
CA GLU A 150 6.76 -20.09 -14.79
C GLU A 150 6.93 -18.82 -13.95
N THR A 151 6.93 -17.65 -14.58
CA THR A 151 7.10 -16.42 -13.81
C THR A 151 5.78 -15.78 -13.39
N PHE A 152 4.76 -15.87 -14.23
CA PHE A 152 3.41 -15.45 -13.88
C PHE A 152 2.44 -16.59 -14.14
N ARG A 153 1.47 -16.74 -13.27
CA ARG A 153 0.34 -17.61 -13.51
C ARG A 153 -0.93 -16.80 -13.38
N LEU A 154 -1.95 -17.23 -14.09
CA LEU A 154 -3.24 -16.58 -14.01
C LEU A 154 -4.14 -17.41 -13.13
N GLU A 155 -4.90 -16.75 -12.29
CA GLU A 155 -5.87 -17.43 -11.44
C GLU A 155 -7.16 -16.62 -11.43
N THR A 156 -8.27 -17.34 -11.33
CA THR A 156 -9.58 -16.73 -11.30
C THR A 156 -10.28 -17.19 -10.04
N ARG A 157 -10.85 -16.24 -9.31
CA ARG A 157 -11.74 -16.58 -8.23
C ARG A 157 -13.03 -15.79 -8.40
N PRO A 158 -14.18 -16.42 -8.16
CA PRO A 158 -15.45 -15.76 -8.45
C PRO A 158 -15.68 -14.59 -7.51
N GLY A 159 -15.98 -13.43 -8.09
CA GLY A 159 -16.49 -12.32 -7.32
C GLY A 159 -17.99 -12.46 -7.14
N PRO A 160 -18.71 -11.34 -7.17
CA PRO A 160 -20.17 -11.42 -7.13
C PRO A 160 -20.77 -12.08 -8.37
N ASP A 161 -21.93 -12.72 -8.17
CA ASP A 161 -22.68 -13.47 -9.19
C ASP A 161 -21.90 -14.72 -9.62
N GLY A 162 -20.69 -14.92 -9.10
CA GLY A 162 -19.84 -15.98 -9.59
C GLY A 162 -19.11 -15.65 -10.87
N THR A 163 -19.29 -14.43 -11.40
CA THR A 163 -18.46 -13.85 -12.45
C THR A 163 -17.00 -14.06 -12.08
N PRO A 164 -16.25 -14.88 -12.83
CA PRO A 164 -14.83 -15.04 -12.52
C PRO A 164 -14.08 -13.77 -12.86
N VAL A 165 -13.24 -13.35 -11.92
CA VAL A 165 -12.38 -12.18 -12.16
C VAL A 165 -10.95 -12.69 -12.17
N PRO A 166 -10.13 -12.23 -13.11
CA PRO A 166 -8.77 -12.77 -13.23
C PRO A 166 -7.75 -11.96 -12.44
N GLU A 167 -6.81 -12.67 -11.85
CA GLU A 167 -5.66 -12.03 -11.24
C GLU A 167 -4.38 -12.69 -11.74
N LEU A 168 -3.38 -11.85 -11.99
CA LEU A 168 -2.03 -12.29 -12.34
C LEU A 168 -1.20 -12.43 -11.06
N VAL A 169 -0.59 -13.59 -10.89
CA VAL A 169 0.10 -13.95 -9.65
C VAL A 169 1.59 -14.11 -9.94
N VAL A 170 2.43 -13.39 -9.19
CA VAL A 170 3.88 -13.51 -9.30
C VAL A 170 4.32 -14.86 -8.76
N THR A 171 4.96 -15.67 -9.59
CA THR A 171 5.36 -17.00 -9.18
C THR A 171 6.86 -17.28 -9.36
N GLY A 172 7.61 -16.35 -9.94
CA GLY A 172 9.05 -16.50 -10.06
C GLY A 172 9.74 -15.21 -9.66
N GLU A 173 11.06 -15.22 -9.75
CA GLU A 173 11.80 -14.02 -9.43
C GLU A 173 11.81 -13.06 -10.60
N LEU A 174 11.67 -11.77 -10.28
CA LEU A 174 11.73 -10.67 -11.22
C LEU A 174 12.95 -9.79 -10.90
N ASP A 175 13.75 -9.53 -11.92
CA ASP A 175 14.95 -8.72 -11.80
C ASP A 175 15.00 -7.75 -12.98
N ARG A 176 14.83 -6.45 -12.70
CA ARG A 176 14.81 -5.46 -13.77
C ARG A 176 16.16 -5.34 -14.45
N GLU A 177 17.25 -5.69 -13.75
CA GLU A 177 18.57 -5.67 -14.35
C GLU A 177 18.87 -6.96 -15.13
N ASN A 178 17.89 -7.84 -15.30
CA ASN A 178 18.01 -8.94 -16.24
C ASN A 178 16.98 -8.75 -17.36
N ARG A 179 15.69 -8.89 -17.06
CA ARG A 179 14.64 -8.72 -18.04
C ARG A 179 13.61 -7.77 -17.46
N SER A 180 13.40 -6.64 -18.12
CA SER A 180 12.52 -5.60 -17.59
C SER A 180 11.16 -5.50 -18.27
N HIS A 181 10.86 -6.31 -19.29
CA HIS A 181 9.60 -6.19 -20.02
C HIS A 181 9.06 -7.56 -20.36
N TYR A 182 7.79 -7.80 -20.04
CA TYR A 182 7.12 -9.05 -20.35
C TYR A 182 5.89 -8.77 -21.20
N MET A 183 5.77 -9.49 -22.32
CA MET A 183 4.64 -9.35 -23.24
C MET A 183 3.72 -10.55 -23.04
N LEU A 184 2.56 -10.32 -22.42
CA LEU A 184 1.64 -11.42 -22.17
C LEU A 184 0.36 -11.25 -22.99
N GLN A 185 -0.29 -12.37 -23.25
CA GLN A 185 -1.58 -12.39 -23.94
C GLN A 185 -2.60 -13.05 -23.02
N LEU A 186 -3.73 -12.40 -22.83
CA LEU A 186 -4.82 -12.97 -22.04
C LEU A 186 -6.02 -13.19 -22.95
N GLU A 187 -6.60 -14.38 -22.85
CA GLU A 187 -7.73 -14.79 -23.65
C GLU A 187 -8.94 -14.98 -22.73
N ALA A 188 -10.14 -14.75 -23.26
CA ALA A 188 -11.35 -15.02 -22.49
C ALA A 188 -12.38 -15.68 -23.38
N TYR A 189 -13.38 -16.31 -22.77
CA TYR A 189 -14.40 -17.00 -23.53
C TYR A 189 -15.63 -17.20 -22.69
N ASP A 190 -16.80 -17.16 -23.34
CA ASP A 190 -18.07 -17.51 -22.70
C ASP A 190 -18.37 -18.98 -23.00
N GLY A 191 -19.60 -19.40 -22.73
CA GLY A 191 -19.94 -20.80 -22.94
C GLY A 191 -21.04 -21.07 -23.97
N GLY A 192 -20.98 -20.41 -25.13
CA GLY A 192 -21.91 -20.71 -26.20
C GLY A 192 -21.56 -22.03 -26.87
N SER A 193 -22.40 -22.43 -27.84
CA SER A 193 -22.15 -23.69 -28.54
C SER A 193 -20.83 -23.66 -29.31
N PRO A 194 -20.51 -22.63 -30.07
CA PRO A 194 -19.12 -22.23 -30.20
C PRO A 194 -18.88 -20.97 -29.38
N PRO A 195 -18.07 -21.05 -28.32
CA PRO A 195 -17.87 -19.87 -27.47
C PRO A 195 -17.48 -18.64 -28.30
N ARG A 196 -17.97 -17.49 -27.88
CA ARG A 196 -17.45 -16.21 -28.35
C ARG A 196 -16.30 -15.79 -27.44
N ARG A 197 -15.27 -15.17 -28.02
CA ARG A 197 -13.98 -15.00 -27.35
C ARG A 197 -13.43 -13.58 -27.50
N ALA A 198 -12.56 -13.20 -26.56
CA ALA A 198 -11.86 -11.92 -26.57
C ALA A 198 -10.38 -12.14 -26.24
N GLN A 199 -9.54 -11.27 -26.78
CA GLN A 199 -8.10 -11.31 -26.56
C GLN A 199 -7.68 -9.93 -26.10
N ALA A 200 -6.72 -9.87 -25.18
CA ALA A 200 -6.08 -8.62 -24.82
C ALA A 200 -4.60 -8.85 -24.59
N LEU A 201 -3.79 -7.88 -24.98
CA LEU A 201 -2.37 -7.90 -24.75
C LEU A 201 -2.06 -7.16 -23.45
N LEU A 202 -1.19 -7.76 -22.64
CA LEU A 202 -0.82 -7.23 -21.34
C LEU A 202 0.70 -7.00 -21.33
N ASP A 203 1.09 -5.75 -21.18
CA ASP A 203 2.48 -5.34 -21.15
C ASP A 203 2.85 -5.14 -19.68
N VAL A 204 3.67 -6.03 -19.15
CA VAL A 204 4.18 -5.90 -17.79
C VAL A 204 5.59 -5.34 -17.85
N THR A 205 5.83 -4.25 -17.11
CA THR A 205 7.14 -3.62 -17.04
C THR A 205 7.59 -3.56 -15.58
N LEU A 206 8.85 -3.91 -15.33
CA LEU A 206 9.37 -3.97 -13.97
C LEU A 206 9.81 -2.59 -13.49
N LEU A 207 9.30 -2.18 -12.33
CA LEU A 207 9.81 -0.97 -11.70
C LEU A 207 11.13 -1.27 -11.00
N ASP A 208 12.06 -0.34 -11.15
CA ASP A 208 13.38 -0.43 -10.54
C ASP A 208 13.31 -0.16 -9.04
N ILE A 209 13.87 -1.09 -8.25
CA ILE A 209 14.15 -0.82 -6.84
C ILE A 209 15.66 -0.65 -6.68
N ASN A 210 16.04 -0.07 -5.55
CA ASN A 210 17.42 0.38 -5.32
C ASN A 210 18.23 -0.72 -4.64
N ASP A 211 18.51 -1.77 -5.42
CA ASP A 211 19.15 -2.98 -4.92
C ASP A 211 20.61 -3.12 -5.37
N HIS A 212 21.25 -2.02 -5.74
CA HIS A 212 22.67 -2.00 -6.01
C HIS A 212 23.26 -0.78 -5.35
N ALA A 213 24.46 -0.91 -4.85
CA ALA A 213 25.10 0.28 -4.33
C ALA A 213 26.24 0.71 -5.25
N PRO A 214 26.61 2.00 -5.27
CA PRO A 214 27.77 2.43 -6.08
C PRO A 214 29.03 1.70 -5.64
N ALA A 215 29.84 1.30 -6.62
CA ALA A 215 31.11 0.62 -6.37
C ALA A 215 32.22 1.31 -7.15
N PHE A 216 33.29 1.65 -6.45
CA PHE A 216 34.43 2.24 -7.13
C PHE A 216 35.17 1.16 -7.93
N ASN A 217 35.90 1.60 -8.96
CA ASN A 217 36.62 0.64 -9.78
C ASN A 217 38.03 0.35 -9.26
N GLN A 218 38.50 1.09 -8.27
CA GLN A 218 39.65 0.67 -7.47
C GLN A 218 39.28 0.77 -5.99
N SER A 219 39.85 -0.12 -5.17
CA SER A 219 39.58 -0.02 -3.74
C SER A 219 40.42 1.08 -3.10
N ARG A 220 41.63 1.31 -3.61
CA ARG A 220 42.49 2.42 -3.23
C ARG A 220 42.99 3.12 -4.47
N TYR A 221 42.99 4.45 -4.46
CA TYR A 221 43.64 5.26 -5.49
C TYR A 221 44.84 6.01 -4.90
N HIS A 222 45.83 6.30 -5.77
CA HIS A 222 47.05 6.99 -5.38
C HIS A 222 47.30 8.18 -6.29
N ALA A 223 47.67 9.31 -5.72
CA ALA A 223 48.17 10.42 -6.51
C ALA A 223 49.47 10.91 -5.89
N VAL A 224 50.33 11.46 -6.74
CA VAL A 224 51.62 11.99 -6.33
C VAL A 224 51.75 13.40 -6.87
N VAL A 225 51.93 14.37 -5.97
CA VAL A 225 51.95 15.77 -6.38
C VAL A 225 53.12 16.46 -5.72
N SER A 226 53.49 17.58 -6.32
CA SER A 226 54.48 18.47 -5.74
C SER A 226 53.81 19.36 -4.71
N GLU A 227 54.53 19.66 -3.62
CA GLU A 227 53.99 20.58 -2.63
C GLU A 227 53.84 21.99 -3.20
N SER A 228 54.38 22.26 -4.37
CA SER A 228 54.21 23.57 -4.98
C SER A 228 52.93 23.67 -5.80
N LEU A 229 52.18 22.57 -5.93
CA LEU A 229 51.01 22.52 -6.79
C LEU A 229 50.04 23.65 -6.48
N ALA A 230 49.60 24.35 -7.52
CA ALA A 230 48.76 25.54 -7.32
C ALA A 230 47.32 25.13 -6.98
N PRO A 231 46.71 25.80 -6.01
CA PRO A 231 45.27 25.57 -5.72
C PRO A 231 44.41 25.77 -6.95
N GLY A 232 43.23 25.15 -6.91
CA GLY A 232 42.34 25.12 -8.05
C GLY A 232 42.71 24.10 -9.10
N SER A 233 43.83 23.36 -8.91
CA SER A 233 44.26 22.44 -9.95
C SER A 233 43.86 21.01 -9.59
N PRO A 234 43.67 20.18 -10.59
CA PRO A 234 43.21 18.80 -10.34
C PRO A 234 44.33 17.95 -9.77
N VAL A 235 43.92 16.85 -9.14
CA VAL A 235 44.86 15.97 -8.45
C VAL A 235 44.62 14.55 -8.92
N LEU A 236 43.36 14.17 -9.11
CA LEU A 236 43.00 12.79 -9.34
C LEU A 236 41.50 12.66 -9.58
N GLN A 237 41.10 11.70 -10.41
CA GLN A 237 39.69 11.45 -10.66
C GLN A 237 39.38 10.00 -10.30
N VAL A 238 38.32 9.81 -9.52
CA VAL A 238 37.82 8.49 -9.14
C VAL A 238 36.50 8.21 -9.88
N PHE A 239 36.09 6.94 -9.90
CA PHE A 239 34.98 6.52 -10.74
C PHE A 239 34.18 5.42 -10.05
N ALA A 240 32.91 5.69 -9.76
CA ALA A 240 32.03 4.65 -9.24
C ALA A 240 30.81 4.56 -10.12
N SER A 241 30.24 3.36 -10.20
CA SER A 241 29.04 3.16 -11.00
C SER A 241 28.00 2.41 -10.17
N ASP A 242 26.77 2.43 -10.70
CA ASP A 242 25.60 1.91 -10.00
C ASP A 242 24.66 1.30 -11.02
N ALA A 243 24.30 0.04 -10.83
CA ALA A 243 23.56 -0.71 -11.83
C ALA A 243 22.08 -0.36 -11.91
N ASP A 244 21.55 0.42 -10.98
CA ASP A 244 20.14 0.77 -11.04
C ASP A 244 19.89 1.83 -12.11
N ALA A 245 18.61 2.16 -12.30
CA ALA A 245 18.15 3.13 -13.27
C ALA A 245 17.65 4.40 -12.57
N GLY A 246 17.60 5.49 -13.32
CA GLY A 246 17.06 6.73 -12.75
C GLY A 246 17.83 7.18 -11.52
N VAL A 247 17.08 7.76 -10.57
CA VAL A 247 17.69 8.32 -9.37
C VAL A 247 18.44 7.23 -8.59
N ASN A 248 17.88 6.03 -8.54
CA ASN A 248 18.50 4.90 -7.86
C ASN A 248 19.91 4.63 -8.36
N GLY A 249 20.23 5.01 -9.60
CA GLY A 249 21.54 4.76 -10.17
C GLY A 249 22.38 6.01 -10.48
N ALA A 250 22.01 7.15 -9.91
CA ALA A 250 22.66 8.43 -10.19
C ALA A 250 23.67 8.75 -9.10
N VAL A 251 24.94 8.63 -9.43
CA VAL A 251 26.00 8.59 -8.44
C VAL A 251 26.49 10.00 -8.17
N THR A 252 26.59 10.38 -6.90
CA THR A 252 27.32 11.60 -6.56
C THR A 252 28.47 11.30 -5.59
N TYR A 253 29.41 12.24 -5.49
CA TYR A 253 30.67 12.05 -4.76
C TYR A 253 30.89 13.12 -3.70
N GLU A 254 31.48 12.69 -2.58
CA GLU A 254 31.88 13.60 -1.51
C GLU A 254 33.11 13.02 -0.82
N ILE A 255 33.76 13.86 0.00
CA ILE A 255 34.89 13.42 0.83
C ILE A 255 34.40 13.25 2.25
N ASN A 256 34.74 12.12 2.86
CA ASN A 256 34.44 11.92 4.27
C ASN A 256 35.38 12.78 5.13
N ARG A 257 34.81 13.77 5.81
CA ARG A 257 35.52 14.78 6.57
C ARG A 257 35.80 14.37 8.02
N ARG A 258 35.19 13.31 8.53
CA ARG A 258 35.50 12.89 9.89
C ARG A 258 36.75 12.02 9.96
N GLN A 259 36.75 10.91 9.22
CA GLN A 259 37.78 9.87 9.30
C GLN A 259 38.95 10.08 8.36
N SER A 260 38.87 11.01 7.42
CA SER A 260 40.04 11.26 6.60
C SER A 260 41.11 11.95 7.44
N GLU A 261 42.34 11.88 6.94
CA GLU A 261 43.50 12.47 7.58
C GLU A 261 44.26 13.28 6.56
N GLY A 262 44.29 14.60 6.72
CA GLY A 262 44.97 15.45 5.77
C GLY A 262 43.96 16.00 4.79
N ASP A 263 42.83 16.35 5.36
CA ASP A 263 41.53 16.46 4.70
C ASP A 263 41.35 17.83 4.03
N GLY A 264 41.74 18.87 4.73
CA GLY A 264 41.44 20.25 4.42
C GLY A 264 41.77 20.77 3.04
N PRO A 265 42.96 20.48 2.51
CA PRO A 265 43.35 21.07 1.20
C PRO A 265 42.55 20.57 -0.01
N PHE A 266 41.66 19.59 0.13
CA PHE A 266 41.10 18.89 -1.03
C PHE A 266 39.59 19.05 -1.08
N SER A 267 39.05 19.01 -2.29
CA SER A 267 37.61 18.86 -2.49
C SER A 267 37.38 18.02 -3.74
N ILE A 268 36.16 17.52 -3.88
CA ILE A 268 35.84 16.61 -4.98
C ILE A 268 34.57 17.09 -5.68
N ASP A 269 34.55 16.95 -7.00
CA ASP A 269 33.39 17.33 -7.79
C ASP A 269 32.28 16.31 -7.60
N ALA A 270 31.15 16.78 -7.06
CA ALA A 270 30.04 15.90 -6.69
C ALA A 270 29.53 15.08 -7.85
N HIS A 271 29.65 15.56 -9.09
CA HIS A 271 29.16 14.79 -10.23
C HIS A 271 30.24 14.16 -11.11
N THR A 272 31.41 14.76 -11.24
CA THR A 272 32.43 14.12 -12.08
C THR A 272 33.40 13.24 -11.32
N GLY A 273 33.48 13.36 -10.00
CA GLY A 273 34.44 12.58 -9.25
C GLY A 273 35.87 13.09 -9.33
N LEU A 274 36.05 14.32 -9.79
CA LEU A 274 37.38 14.88 -9.92
C LEU A 274 37.76 15.53 -8.60
N LEU A 275 38.83 15.03 -7.98
CA LEU A 275 39.39 15.61 -6.78
C LEU A 275 40.33 16.74 -7.17
N GLN A 276 40.18 17.89 -6.52
CA GLN A 276 40.99 19.05 -6.86
C GLN A 276 41.57 19.66 -5.59
N LEU A 277 42.62 20.47 -5.75
CA LEU A 277 43.31 21.07 -4.61
C LEU A 277 42.74 22.45 -4.33
N GLU A 278 42.39 22.69 -3.06
CA GLU A 278 41.76 23.94 -2.66
C GLU A 278 42.68 24.89 -1.91
N ARG A 279 43.70 24.37 -1.23
CA ARG A 279 44.61 25.18 -0.43
C ARG A 279 46.00 24.59 -0.57
N PRO A 280 47.05 25.40 -0.39
CA PRO A 280 48.40 24.91 -0.67
C PRO A 280 48.82 23.83 0.29
N LEU A 281 49.66 22.93 -0.20
CA LEU A 281 50.25 21.86 0.61
C LEU A 281 51.47 22.35 1.39
N ASP A 282 52.09 21.45 2.16
CA ASP A 282 53.33 21.75 2.91
C ASP A 282 54.00 20.43 3.27
N PHE A 283 55.03 20.06 2.49
CA PHE A 283 55.72 18.79 2.67
C PHE A 283 56.13 18.57 4.12
N GLU A 284 56.56 19.63 4.80
CA GLU A 284 57.14 19.43 6.11
C GLU A 284 56.08 19.28 7.19
N GLN A 285 54.83 19.60 6.91
CA GLN A 285 53.79 19.31 7.88
C GLN A 285 53.06 18.00 7.60
N ARG A 286 52.92 17.61 6.34
CA ARG A 286 52.29 16.34 6.03
C ARG A 286 52.82 15.84 4.70
N ARG A 287 53.39 14.65 4.70
CA ARG A 287 53.93 14.01 3.50
C ARG A 287 52.87 13.20 2.74
N VAL A 288 51.87 12.72 3.45
CA VAL A 288 50.91 11.81 2.87
C VAL A 288 49.55 12.14 3.44
N HIS A 289 48.55 12.22 2.57
CA HIS A 289 47.17 12.43 2.97
C HIS A 289 46.38 11.17 2.65
N GLU A 290 45.65 10.68 3.64
CA GLU A 290 44.80 9.49 3.52
C GLU A 290 43.35 9.95 3.61
N LEU A 291 42.66 9.93 2.49
CA LEU A 291 41.26 10.32 2.42
C LEU A 291 40.40 9.10 2.20
N VAL A 292 39.13 9.20 2.56
CA VAL A 292 38.15 8.27 2.04
C VAL A 292 37.11 9.09 1.26
N VAL A 293 36.89 8.69 0.03
CA VAL A 293 35.88 9.30 -0.83
C VAL A 293 34.69 8.38 -0.88
N GLN A 294 33.53 8.98 -0.96
CA GLN A 294 32.28 8.25 -0.89
C GLN A 294 31.43 8.55 -2.11
N ALA A 295 30.71 7.53 -2.55
CA ALA A 295 29.72 7.66 -3.61
C ALA A 295 28.35 7.32 -3.05
N ARG A 296 27.36 8.14 -3.31
CA ARG A 296 26.00 7.81 -2.94
C ARG A 296 25.10 7.92 -4.18
N ASP A 297 24.06 7.09 -4.24
CA ASP A 297 23.09 7.26 -5.31
C ASP A 297 21.96 8.20 -4.86
N GLY A 298 20.94 8.33 -5.70
CA GLY A 298 19.85 9.25 -5.43
C GLY A 298 18.64 8.58 -4.81
N GLY A 299 18.78 7.32 -4.39
CA GLY A 299 17.64 6.56 -3.89
C GLY A 299 16.99 7.18 -2.67
N ALA A 300 15.79 6.68 -2.36
CA ALA A 300 15.00 7.23 -1.27
C ALA A 300 15.78 7.23 0.03
N HIS A 301 16.43 6.11 0.34
CA HIS A 301 17.48 6.05 1.36
C HIS A 301 18.74 5.66 0.61
N PRO A 302 19.63 6.60 0.33
CA PRO A 302 20.73 6.32 -0.59
C PRO A 302 21.61 5.20 -0.07
N GLU A 303 22.09 4.40 -0.99
CA GLU A 303 23.09 3.39 -0.72
C GLU A 303 24.47 3.97 -1.03
N LEU A 304 25.50 3.48 -0.33
CA LEU A 304 26.79 4.14 -0.22
C LEU A 304 27.94 3.21 -0.61
N GLY A 305 28.90 3.77 -1.35
CA GLY A 305 30.16 3.10 -1.59
C GLY A 305 31.29 4.06 -1.27
N SER A 306 32.47 3.49 -1.04
CA SER A 306 33.61 4.31 -0.66
C SER A 306 34.89 3.67 -1.18
N ALA A 307 35.94 4.48 -1.22
CA ALA A 307 37.27 4.06 -1.62
C ALA A 307 38.31 4.89 -0.89
N PHE A 308 39.52 4.36 -0.78
CA PHE A 308 40.61 5.11 -0.18
C PHE A 308 41.34 5.91 -1.25
N VAL A 309 41.81 7.08 -0.86
CA VAL A 309 42.65 7.89 -1.72
C VAL A 309 43.87 8.32 -0.94
N THR A 310 45.04 7.91 -1.40
CA THR A 310 46.30 8.33 -0.80
C THR A 310 46.98 9.37 -1.69
N VAL A 311 47.22 10.56 -1.14
CA VAL A 311 47.93 11.62 -1.85
C VAL A 311 49.34 11.71 -1.29
N HIS A 312 50.34 11.51 -2.15
CA HIS A 312 51.75 11.60 -1.78
C HIS A 312 52.27 12.97 -2.18
N VAL A 313 52.77 13.76 -1.23
CA VAL A 313 53.26 15.08 -1.55
C VAL A 313 54.78 15.11 -1.46
N ARG A 314 55.42 15.53 -2.55
CA ARG A 314 56.86 15.59 -2.66
C ARG A 314 57.38 16.98 -2.34
N ASP A 315 58.54 17.02 -1.67
CA ASP A 315 59.16 18.29 -1.32
C ASP A 315 59.53 19.08 -2.58
N ALA A 316 59.41 20.40 -2.48
CA ALA A 316 59.67 21.33 -3.58
C ALA A 316 60.96 21.01 -4.32
N ASN A 317 62.08 21.35 -3.71
CA ASN A 317 63.39 21.17 -4.34
C ASN A 317 63.76 19.70 -4.43
N GLU B 44 83.43 22.49 23.82
CA GLU B 44 83.66 21.30 23.00
C GLU B 44 82.90 20.02 23.45
N PRO B 45 83.03 19.62 24.73
CA PRO B 45 82.51 18.29 25.12
C PRO B 45 80.99 18.24 25.26
N ARG B 46 80.43 17.05 24.96
CA ARG B 46 78.99 16.81 24.97
C ARG B 46 78.66 15.48 25.66
N GLN B 47 77.76 15.54 26.66
CA GLN B 47 77.30 14.38 27.41
C GLN B 47 75.80 14.16 27.20
N VAL B 48 75.36 12.92 27.42
CA VAL B 48 73.98 12.52 27.16
C VAL B 48 73.41 11.84 28.40
N PHE B 49 72.33 12.39 28.93
CA PHE B 49 71.65 11.78 30.05
C PHE B 49 70.21 11.43 29.66
N GLN B 50 69.62 10.54 30.44
CA GLN B 50 68.21 10.24 30.31
C GLN B 50 67.58 10.28 31.69
N VAL B 51 66.29 10.56 31.73
CA VAL B 51 65.50 10.50 32.95
C VAL B 51 64.07 10.16 32.57
N LEU B 52 63.47 9.27 33.36
CA LEU B 52 62.06 8.94 33.19
C LEU B 52 61.17 10.12 33.57
N GLU B 53 60.10 10.32 32.80
CA GLU B 53 59.06 11.26 33.20
C GLU B 53 58.30 10.73 34.41
N GLU B 54 57.51 11.60 35.02
CA GLU B 54 56.65 11.24 36.14
C GLU B 54 57.42 10.83 37.39
N GLN B 55 58.59 11.40 37.62
CA GLN B 55 59.37 11.02 38.78
C GLN B 55 59.34 12.11 39.84
N PRO B 56 59.62 11.78 41.10
CA PRO B 56 59.59 12.79 42.14
C PRO B 56 60.59 13.89 41.85
N PRO B 57 60.29 15.12 42.26
CA PRO B 57 61.30 16.18 42.19
C PRO B 57 62.53 15.77 42.98
N GLY B 58 63.69 16.20 42.51
CA GLY B 58 64.94 15.75 43.08
C GLY B 58 65.49 14.46 42.52
N THR B 59 64.92 13.94 41.45
CA THR B 59 65.47 12.74 40.84
C THR B 59 66.83 13.05 40.21
N LEU B 60 67.75 12.10 40.34
CA LEU B 60 69.07 12.25 39.74
C LEU B 60 68.98 12.01 38.24
N VAL B 61 69.41 13.00 37.46
CA VAL B 61 69.41 12.89 36.01
C VAL B 61 70.74 12.29 35.60
N GLY B 62 71.82 13.00 35.88
CA GLY B 62 73.15 12.48 35.61
C GLY B 62 74.19 13.27 36.37
N THR B 63 75.45 12.93 36.13
CA THR B 63 76.58 13.69 36.65
C THR B 63 77.57 13.94 35.52
N ILE B 64 77.92 15.22 35.32
CA ILE B 64 78.89 15.51 34.27
C ILE B 64 80.26 15.04 34.71
N GLN B 65 81.13 14.81 33.73
CA GLN B 65 82.50 14.39 33.97
C GLN B 65 83.28 15.65 34.35
N THR B 66 83.61 15.78 35.62
CA THR B 66 84.24 17.00 36.06
C THR B 66 85.76 16.95 35.87
N ARG B 67 86.39 18.08 36.12
CA ARG B 67 87.84 18.24 36.13
C ARG B 67 88.30 18.80 37.47
N PRO B 68 89.46 18.35 37.97
CA PRO B 68 89.84 18.71 39.35
C PRO B 68 90.03 20.21 39.48
N GLY B 69 89.48 20.78 40.55
CA GLY B 69 89.63 22.20 40.81
C GLY B 69 88.62 23.10 40.13
N PHE B 70 87.54 22.57 39.58
CA PHE B 70 86.48 23.40 39.04
C PHE B 70 85.17 23.19 39.82
N THR B 71 84.34 24.24 39.84
CA THR B 71 82.91 24.16 40.15
C THR B 71 82.10 24.40 38.87
N TYR B 72 80.78 24.14 38.94
CA TYR B 72 79.94 24.14 37.73
C TYR B 72 78.58 24.76 37.98
N ARG B 73 78.13 25.58 37.02
CA ARG B 73 76.80 26.16 37.04
C ARG B 73 76.15 25.97 35.67
N LEU B 74 74.83 25.98 35.67
CA LEU B 74 74.09 26.06 34.41
C LEU B 74 74.27 27.44 33.80
N SER B 75 74.42 27.49 32.47
CA SER B 75 74.57 28.78 31.81
C SER B 75 73.31 29.63 31.97
N GLU B 76 72.15 28.99 32.01
CA GLU B 76 70.89 29.69 32.25
C GLU B 76 70.15 29.00 33.38
N SER B 77 69.27 29.74 34.03
CA SER B 77 68.30 29.10 34.92
C SER B 77 67.37 28.25 34.08
N HIS B 78 67.20 26.98 34.47
CA HIS B 78 66.29 26.10 33.76
C HIS B 78 65.12 25.70 34.65
N ALA B 79 63.92 25.71 34.05
CA ALA B 79 62.69 25.41 34.78
C ALA B 79 62.67 23.99 35.31
N LEU B 80 63.34 23.07 34.63
CA LEU B 80 63.26 21.65 34.95
C LEU B 80 64.42 21.14 35.81
N PHE B 81 65.61 21.74 35.69
CA PHE B 81 66.82 21.12 36.23
C PHE B 81 67.62 22.11 37.07
N ALA B 82 68.52 21.55 37.87
CA ALA B 82 69.41 22.31 38.73
C ALA B 82 70.65 21.46 39.00
N ILE B 83 71.79 22.12 39.13
CA ILE B 83 73.06 21.43 39.20
C ILE B 83 73.68 21.66 40.57
N ASN B 84 74.26 20.59 41.14
CA ASN B 84 75.10 20.70 42.30
C ASN B 84 76.47 21.25 41.86
N SER B 85 76.83 22.44 42.34
CA SER B 85 78.01 23.11 41.82
C SER B 85 79.31 22.41 42.18
N SER B 86 79.34 21.59 43.25
CA SER B 86 80.58 20.90 43.60
C SER B 86 80.67 19.50 43.00
N THR B 87 79.57 18.79 42.80
CA THR B 87 79.66 17.46 42.24
C THR B 87 79.33 17.40 40.76
N GLY B 88 78.68 18.43 40.21
CA GLY B 88 78.22 18.32 38.84
C GLY B 88 77.06 17.38 38.63
N ALA B 89 76.43 16.92 39.71
CA ALA B 89 75.23 16.11 39.59
C ALA B 89 74.05 16.97 39.20
N LEU B 90 73.25 16.47 38.26
CA LEU B 90 72.07 17.17 37.75
C LEU B 90 70.80 16.52 38.26
N TYR B 91 69.89 17.34 38.79
CA TYR B 91 68.66 16.86 39.41
C TYR B 91 67.46 17.53 38.77
N THR B 92 66.31 16.85 38.81
CA THR B 92 65.06 17.48 38.42
C THR B 92 64.52 18.35 39.56
N THR B 93 63.84 19.43 39.18
CA THR B 93 63.20 20.34 40.12
C THR B 93 61.68 20.17 40.19
N SER B 94 61.10 19.33 39.34
CA SER B 94 59.68 19.02 39.40
C SER B 94 59.47 17.67 38.77
N THR B 95 58.23 17.22 38.80
CA THR B 95 57.79 16.02 38.09
C THR B 95 57.58 16.37 36.63
N ILE B 96 58.30 15.74 35.73
CA ILE B 96 58.16 16.05 34.31
C ILE B 96 57.10 15.15 33.70
N ASP B 97 56.20 15.76 32.90
CA ASP B 97 55.24 15.06 32.04
C ASP B 97 55.78 15.08 30.63
N ARG B 98 56.18 13.92 30.12
CA ARG B 98 56.74 13.94 28.77
C ARG B 98 55.69 14.36 27.76
N GLU B 99 54.44 13.91 27.91
CA GLU B 99 53.39 14.34 26.99
C GLU B 99 53.18 15.86 27.05
N SER B 100 53.70 16.54 28.06
CA SER B 100 53.50 17.98 28.17
C SER B 100 54.62 18.80 27.58
N LEU B 101 55.65 18.15 27.01
CA LEU B 101 56.83 18.90 26.61
C LEU B 101 56.76 19.29 25.14
N PRO B 102 57.27 20.46 24.79
CA PRO B 102 57.47 20.75 23.36
C PRO B 102 58.40 19.75 22.70
N SER B 103 59.46 19.34 23.41
CA SER B 103 60.36 18.30 22.95
C SER B 103 60.83 17.47 24.13
N ASP B 104 60.97 16.17 23.92
CA ASP B 104 61.52 15.29 24.93
C ASP B 104 63.03 15.23 24.90
N VAL B 105 63.68 16.03 24.05
CA VAL B 105 65.11 16.23 24.10
C VAL B 105 65.36 17.66 24.57
N ILE B 106 66.18 17.83 25.61
CA ILE B 106 66.48 19.14 26.14
C ILE B 106 67.98 19.37 26.08
N ASN B 107 68.37 20.57 25.68
CA ASN B 107 69.77 20.90 25.53
C ASN B 107 70.14 21.96 26.56
N LEU B 108 71.18 21.67 27.34
CA LEU B 108 71.72 22.55 28.35
C LEU B 108 73.20 22.83 28.07
N VAL B 109 73.73 23.84 28.75
CA VAL B 109 75.16 24.16 28.72
C VAL B 109 75.65 24.34 30.14
N VAL B 110 76.56 23.48 30.57
CA VAL B 110 77.21 23.62 31.87
C VAL B 110 78.50 24.42 31.69
N LEU B 111 78.71 25.39 32.57
CA LEU B 111 79.88 26.25 32.54
C LEU B 111 80.73 26.02 33.79
N SER B 112 82.04 26.06 33.61
CA SER B 112 82.99 25.84 34.68
C SER B 112 83.47 27.16 35.29
N SER B 113 83.97 27.05 36.51
CA SER B 113 84.69 28.12 37.17
C SER B 113 86.10 28.26 36.61
N ALA B 114 86.98 28.93 37.40
CA ALA B 114 88.43 28.96 37.20
C ALA B 114 88.67 29.58 35.82
N PRO B 115 89.48 29.05 34.90
CA PRO B 115 89.28 29.46 33.49
C PRO B 115 88.19 28.61 32.84
N THR B 116 87.13 29.26 32.40
CA THR B 116 85.91 28.54 32.06
C THR B 116 86.10 27.70 30.81
N TYR B 117 85.51 26.51 30.83
CA TYR B 117 85.17 25.79 29.61
C TYR B 117 83.72 25.35 29.69
N PRO B 118 83.05 25.20 28.55
CA PRO B 118 81.65 24.75 28.54
C PRO B 118 81.50 23.25 28.34
N THR B 119 80.40 22.73 28.86
CA THR B 119 80.00 21.34 28.64
C THR B 119 78.55 21.30 28.16
N GLU B 120 78.32 20.82 26.92
CA GLU B 120 76.97 20.70 26.38
C GLU B 120 76.33 19.41 26.86
N VAL B 121 75.10 19.52 27.36
CA VAL B 121 74.38 18.38 27.88
C VAL B 121 73.10 18.20 27.08
N ARG B 122 72.76 16.94 26.80
CA ARG B 122 71.49 16.58 26.16
C ARG B 122 70.76 15.66 27.10
N VAL B 123 69.59 16.08 27.56
CA VAL B 123 68.76 15.26 28.42
C VAL B 123 67.61 14.69 27.59
N LEU B 124 67.46 13.37 27.63
CA LEU B 124 66.36 12.67 26.97
C LEU B 124 65.34 12.29 28.03
N VAL B 125 64.14 12.85 27.90
CA VAL B 125 63.02 12.49 28.78
C VAL B 125 62.33 11.26 28.20
N ARG B 126 62.44 10.16 28.93
CA ARG B 126 61.97 8.84 28.52
C ARG B 126 60.51 8.60 28.88
N ASP B 127 59.81 7.89 28.00
CA ASP B 127 58.36 7.81 28.03
C ASP B 127 57.92 6.62 28.89
N LEU B 128 56.95 6.87 29.73
CA LEU B 128 56.21 5.74 30.26
C LEU B 128 54.90 5.54 29.51
N ASN B 129 54.41 4.30 29.60
CA ASN B 129 53.14 3.92 29.02
C ASN B 129 52.02 4.31 29.98
N ASP B 130 51.91 5.63 30.19
CA ASP B 130 50.93 6.15 31.14
C ASP B 130 49.74 6.81 30.45
N ASN B 131 49.52 6.55 29.16
CA ASN B 131 48.26 6.94 28.52
C ASN B 131 47.70 5.76 27.77
N ALA B 132 46.39 5.61 27.85
CA ALA B 132 45.64 4.55 27.20
C ALA B 132 45.20 4.99 25.81
N PRO B 133 44.91 4.07 24.91
CA PRO B 133 44.35 4.48 23.62
C PRO B 133 42.95 5.04 23.86
N VAL B 134 42.66 6.17 23.22
CA VAL B 134 41.37 6.82 23.38
C VAL B 134 40.75 7.03 22.00
N PHE B 135 39.33 6.90 21.91
CA PHE B 135 38.49 7.18 20.76
C PHE B 135 38.00 8.64 20.78
N PRO B 136 37.76 9.24 19.61
CA PRO B 136 37.29 10.63 19.58
C PRO B 136 35.99 10.86 20.34
N ASP B 137 35.14 9.84 20.47
CA ASP B 137 33.86 9.90 21.17
C ASP B 137 33.64 8.56 21.84
N PRO B 138 33.16 8.52 23.08
CA PRO B 138 32.94 7.22 23.73
C PRO B 138 31.89 6.37 23.04
N SER B 139 30.98 6.96 22.29
CA SER B 139 29.86 6.23 21.72
C SER B 139 29.55 6.83 20.36
N ILE B 140 29.24 5.97 19.38
CA ILE B 140 28.85 6.40 18.05
C ILE B 140 27.67 5.56 17.59
N VAL B 141 27.03 6.06 16.53
CA VAL B 141 25.85 5.45 15.93
C VAL B 141 26.14 5.13 14.47
N VAL B 142 25.85 3.90 14.03
CA VAL B 142 25.96 3.58 12.61
C VAL B 142 24.72 2.80 12.18
N THR B 143 24.49 2.77 10.86
CA THR B 143 23.23 2.28 10.29
C THR B 143 23.48 1.29 9.17
N PHE B 144 22.78 0.16 9.23
CA PHE B 144 22.65 -0.76 8.12
C PHE B 144 21.18 -0.84 7.69
N LYS B 145 20.96 -0.99 6.38
CA LYS B 145 19.63 -1.32 5.89
C LYS B 145 19.33 -2.77 6.15
N GLU B 146 18.12 -3.07 6.63
CA GLU B 146 17.74 -4.46 6.69
C GLU B 146 17.79 -5.03 5.27
N ASP B 147 18.05 -6.34 5.18
CA ASP B 147 18.24 -7.01 3.89
C ASP B 147 19.40 -6.39 3.08
N SER B 148 20.37 -5.78 3.75
CA SER B 148 21.63 -5.51 3.09
C SER B 148 22.34 -6.84 2.80
N SER B 149 23.11 -6.86 1.72
CA SER B 149 23.84 -8.09 1.39
C SER B 149 24.97 -8.36 2.38
N SER B 150 25.40 -9.62 2.42
CA SER B 150 26.54 -9.97 3.24
C SER B 150 27.77 -9.27 2.69
N GLY B 151 28.51 -8.62 3.58
CA GLY B 151 29.70 -7.90 3.18
C GLY B 151 29.52 -6.41 3.11
N ARG B 152 28.30 -5.90 3.31
CA ARG B 152 28.16 -4.46 3.39
C ARG B 152 28.80 -3.95 4.67
N GLN B 153 29.46 -2.80 4.56
CA GLN B 153 30.24 -2.30 5.69
C GLN B 153 30.00 -0.81 5.89
N VAL B 154 30.38 -0.36 7.08
CA VAL B 154 30.25 1.03 7.45
C VAL B 154 31.46 1.36 8.30
N ILE B 155 31.95 2.57 8.15
CA ILE B 155 33.21 2.97 8.75
C ILE B 155 33.01 3.34 10.22
N LEU B 156 34.04 3.05 11.03
CA LEU B 156 34.07 3.39 12.44
C LEU B 156 35.23 4.36 12.70
N ASP B 157 35.45 4.68 13.96
CA ASP B 157 36.57 5.53 14.37
C ASP B 157 37.73 4.68 14.83
N THR B 158 38.94 5.20 14.69
CA THR B 158 40.09 4.56 15.28
C THR B 158 40.56 5.34 16.48
N ALA B 159 41.46 4.74 17.23
CA ALA B 159 41.94 5.36 18.44
C ALA B 159 43.29 6.06 18.20
N THR B 160 43.65 6.95 19.13
CA THR B 160 45.00 7.49 19.23
C THR B 160 45.50 7.34 20.68
N ASP B 161 46.77 7.69 20.87
CA ASP B 161 47.47 7.41 22.13
C ASP B 161 48.60 8.43 22.25
N SER B 162 48.64 9.18 23.35
CA SER B 162 49.57 10.29 23.42
C SER B 162 51.00 9.90 23.80
N ASP B 163 51.29 8.63 24.11
CA ASP B 163 52.68 8.19 24.32
C ASP B 163 53.38 8.05 22.98
N ILE B 164 54.71 7.78 23.06
CA ILE B 164 55.50 7.57 21.85
C ILE B 164 54.98 6.33 21.14
N GLY B 165 55.39 6.19 19.88
CA GLY B 165 54.82 5.17 19.01
C GLY B 165 54.98 3.76 19.54
N SER B 166 56.10 3.47 20.23
CA SER B 166 56.28 2.13 20.77
C SER B 166 55.38 1.85 21.97
N ASN B 167 54.80 2.90 22.57
CA ASN B 167 53.72 2.76 23.55
C ASN B 167 52.37 3.20 22.99
N GLY B 168 52.25 3.25 21.66
CA GLY B 168 51.02 3.72 21.02
C GLY B 168 50.06 2.61 20.65
N VAL B 169 48.97 3.02 19.97
CA VAL B 169 47.92 2.08 19.59
C VAL B 169 48.47 0.96 18.73
N ASP B 170 48.10 -0.27 19.07
CA ASP B 170 48.28 -1.38 18.13
C ASP B 170 47.02 -1.43 17.26
N HIS B 171 47.11 -0.90 16.04
CA HIS B 171 45.94 -0.86 15.17
C HIS B 171 45.52 -2.23 14.65
N ARG B 172 46.32 -3.27 14.91
CA ARG B 172 45.87 -4.60 14.56
C ARG B 172 44.96 -5.22 15.62
N SER B 173 44.81 -4.60 16.78
CA SER B 173 44.19 -5.27 17.92
C SER B 173 42.69 -5.00 18.10
N TYR B 174 42.06 -4.11 17.31
CA TYR B 174 40.62 -3.84 17.47
C TYR B 174 39.79 -5.13 17.45
N ARG B 175 38.85 -5.23 18.37
CA ARG B 175 38.14 -6.47 18.62
C ARG B 175 36.73 -6.17 19.11
N ILE B 176 35.75 -6.96 18.68
CA ILE B 176 34.39 -6.85 19.22
C ILE B 176 34.29 -7.79 20.42
N ILE B 177 34.09 -7.22 21.61
CA ILE B 177 34.12 -8.02 22.84
C ILE B 177 32.78 -8.19 23.49
N ARG B 178 31.78 -7.38 23.12
CA ARG B 178 30.45 -7.59 23.68
C ARG B 178 29.40 -7.12 22.68
N GLY B 179 28.26 -7.81 22.70
CA GLY B 179 27.09 -7.36 21.95
C GLY B 179 26.84 -8.05 20.64
N ASN B 180 27.80 -8.82 20.15
CA ASN B 180 27.76 -9.52 18.86
C ASN B 180 27.34 -10.98 19.04
N GLU B 181 26.56 -11.24 20.09
CA GLU B 181 26.09 -12.59 20.38
C GLU B 181 25.42 -13.24 19.17
N ALA B 182 24.67 -12.45 18.39
CA ALA B 182 23.98 -13.04 17.24
C ALA B 182 24.93 -13.34 16.09
N GLY B 183 26.19 -12.95 16.18
CA GLY B 183 27.14 -13.26 15.12
C GLY B 183 26.87 -12.61 13.80
N ARG B 184 26.14 -11.49 13.78
CA ARG B 184 25.83 -10.74 12.58
C ARG B 184 26.97 -9.86 12.08
N PHE B 185 27.99 -9.57 12.90
CA PHE B 185 29.02 -8.58 12.56
C PHE B 185 30.44 -9.12 12.74
N ARG B 186 31.37 -8.48 12.03
CA ARG B 186 32.79 -8.70 12.22
C ARG B 186 33.50 -7.39 11.90
N LEU B 187 34.72 -7.23 12.40
CA LEU B 187 35.52 -6.07 12.08
C LEU B 187 36.40 -6.32 10.88
N ASP B 188 36.70 -5.25 10.14
CA ASP B 188 37.68 -5.25 9.06
C ASP B 188 38.64 -4.09 9.29
N ILE B 189 39.92 -4.39 9.44
CA ILE B 189 40.95 -3.39 9.70
C ILE B 189 41.78 -3.19 8.44
N THR B 190 42.04 -1.93 8.12
CA THR B 190 42.89 -1.58 6.99
C THR B 190 44.01 -0.70 7.53
N LEU B 191 45.22 -1.22 7.50
CA LEU B 191 46.38 -0.42 7.89
C LEU B 191 46.86 0.34 6.68
N ASN B 192 46.99 1.65 6.81
CA ASN B 192 47.41 2.43 5.65
C ASN B 192 48.80 2.00 5.23
N PRO B 193 49.00 1.59 3.98
CA PRO B 193 50.32 1.08 3.55
C PRO B 193 51.42 2.08 3.73
N SER B 194 51.11 3.36 3.69
CA SER B 194 52.11 4.39 3.90
C SER B 194 52.59 4.46 5.33
N GLY B 195 52.12 3.59 6.22
CA GLY B 195 52.51 3.64 7.62
C GLY B 195 51.81 4.69 8.45
N GLU B 196 51.02 5.58 7.85
CA GLU B 196 50.32 6.61 8.62
C GLU B 196 48.86 6.19 8.85
N GLY B 197 48.59 5.61 10.01
CA GLY B 197 47.22 5.45 10.49
C GLY B 197 46.54 4.18 10.04
N ALA B 198 45.25 4.09 10.38
CA ALA B 198 44.46 2.92 9.99
C ALA B 198 42.99 3.31 9.85
N PHE B 199 42.24 2.40 9.22
CA PHE B 199 40.79 2.53 9.12
C PHE B 199 40.15 1.26 9.62
N LEU B 200 39.11 1.42 10.40
CA LEU B 200 38.31 0.32 10.88
C LEU B 200 36.93 0.34 10.22
N HIS B 201 36.42 -0.81 9.83
CA HIS B 201 35.05 -0.93 9.33
C HIS B 201 34.30 -2.04 10.05
N LEU B 202 33.01 -1.80 10.29
CA LEU B 202 32.08 -2.81 10.75
C LEU B 202 31.41 -3.45 9.53
N VAL B 203 31.47 -4.78 9.46
CA VAL B 203 30.98 -5.53 8.30
C VAL B 203 29.78 -6.37 8.71
N SER B 204 28.69 -6.25 7.95
CA SER B 204 27.52 -7.11 8.14
C SER B 204 27.76 -8.44 7.44
N LYS B 205 27.47 -9.52 8.14
CA LYS B 205 27.42 -10.85 7.55
C LYS B 205 26.03 -11.16 6.98
N GLY B 206 25.21 -10.13 6.73
CA GLY B 206 23.89 -10.30 6.15
C GLY B 206 22.86 -10.72 7.18
N GLY B 207 21.63 -10.86 6.71
CA GLY B 207 20.57 -11.38 7.57
C GLY B 207 20.12 -10.43 8.65
N LEU B 208 20.05 -9.15 8.35
CA LEU B 208 19.46 -8.20 9.27
C LEU B 208 17.98 -8.02 8.93
N ASP B 209 17.13 -8.10 9.95
CA ASP B 209 15.69 -7.94 9.80
C ASP B 209 15.24 -6.99 10.90
N ARG B 210 14.82 -5.78 10.52
CA ARG B 210 14.47 -4.77 11.52
C ARG B 210 13.31 -5.22 12.41
N GLU B 211 12.38 -5.98 11.84
CA GLU B 211 11.21 -6.38 12.59
C GLU B 211 11.54 -7.44 13.63
N VAL B 212 12.69 -8.09 13.54
CA VAL B 212 13.19 -8.96 14.61
C VAL B 212 14.08 -8.20 15.59
N THR B 213 15.20 -7.67 15.11
CA THR B 213 16.12 -6.90 15.96
C THR B 213 16.37 -5.55 15.30
N PRO B 214 15.80 -4.46 15.82
CA PRO B 214 16.04 -3.15 15.23
C PRO B 214 17.32 -2.44 15.70
N GLN B 215 18.03 -2.97 16.69
CA GLN B 215 19.13 -2.24 17.31
C GLN B 215 20.15 -3.21 17.85
N TYR B 216 21.42 -2.91 17.64
CA TYR B 216 22.52 -3.64 18.25
C TYR B 216 23.39 -2.65 19.01
N GLN B 217 24.05 -3.14 20.04
CA GLN B 217 25.01 -2.33 20.79
C GLN B 217 26.28 -3.16 20.90
N LEU B 218 27.31 -2.73 20.21
CA LEU B 218 28.57 -3.47 20.19
C LEU B 218 29.61 -2.75 21.03
N LEU B 219 30.47 -3.53 21.69
CA LEU B 219 31.62 -2.98 22.41
C LEU B 219 32.92 -3.36 21.71
N VAL B 220 33.73 -2.36 21.39
CA VAL B 220 35.00 -2.53 20.67
C VAL B 220 36.16 -2.16 21.60
N GLU B 221 37.12 -3.06 21.72
CA GLU B 221 38.31 -2.87 22.55
C GLU B 221 39.55 -2.81 21.67
N VAL B 222 40.44 -1.84 21.94
CA VAL B 222 41.74 -1.74 21.29
C VAL B 222 42.81 -1.65 22.38
N GLU B 223 44.00 -2.16 22.05
CA GLU B 223 45.15 -2.21 22.95
C GLU B 223 46.27 -1.30 22.46
N ASP B 224 47.16 -0.89 23.39
CA ASP B 224 48.41 -0.27 22.95
C ASP B 224 49.54 -1.29 23.04
N LYS B 225 50.77 -0.85 22.81
CA LYS B 225 51.90 -1.75 22.74
C LYS B 225 52.85 -1.61 23.95
N GLY B 226 52.39 -1.00 25.07
CA GLY B 226 53.29 -0.58 26.13
C GLY B 226 53.50 -1.61 27.25
N GLU B 227 54.50 -1.29 28.15
CA GLU B 227 55.14 -2.15 29.15
C GLU B 227 54.00 -2.75 29.99
N PRO B 228 53.21 -1.97 30.74
CA PRO B 228 51.90 -2.54 31.12
C PRO B 228 50.92 -2.18 30.01
N LYS B 229 50.29 -3.18 29.41
CA LYS B 229 49.44 -2.93 28.25
C LYS B 229 48.19 -2.18 28.68
N ARG B 230 47.85 -1.08 28.00
CA ARG B 230 46.61 -0.35 28.29
C ARG B 230 45.60 -0.50 27.17
N ARG B 231 44.32 -0.27 27.50
CA ARG B 231 43.19 -0.56 26.60
C ARG B 231 42.25 0.64 26.46
N GLY B 232 41.60 0.72 25.29
CA GLY B 232 40.58 1.71 25.06
C GLY B 232 39.33 1.04 24.51
N TYR B 233 38.21 1.76 24.60
CA TYR B 233 36.92 1.17 24.26
C TYR B 233 36.03 2.14 23.49
N LEU B 234 35.26 1.56 22.57
CA LEU B 234 34.29 2.28 21.75
C LEU B 234 32.96 1.54 21.81
N GLN B 235 31.90 2.24 22.21
CA GLN B 235 30.56 1.72 22.13
C GLN B 235 30.00 2.05 20.75
N VAL B 236 29.56 1.04 20.01
CA VAL B 236 28.96 1.24 18.67
C VAL B 236 27.49 0.86 18.71
N ASN B 237 26.63 1.87 18.57
CA ASN B 237 25.18 1.62 18.43
C ASN B 237 24.86 1.35 16.96
N VAL B 238 24.29 0.18 16.67
CA VAL B 238 23.94 -0.17 15.30
C VAL B 238 22.42 -0.07 15.12
N THR B 239 21.98 0.88 14.32
CA THR B 239 20.59 1.00 13.91
C THR B 239 20.35 0.18 12.64
N VAL B 240 19.26 -0.57 12.62
CA VAL B 240 18.88 -1.30 11.42
C VAL B 240 17.77 -0.51 10.75
N GLN B 241 18.04 0.02 9.58
CA GLN B 241 17.07 0.89 8.92
C GLN B 241 15.98 0.07 8.24
N ASP B 242 14.75 0.59 8.30
CA ASP B 242 13.57 -0.09 7.78
C ASP B 242 13.49 0.00 6.26
N ILE B 243 13.17 -1.12 5.61
CA ILE B 243 12.68 -1.10 4.25
C ILE B 243 11.20 -1.52 4.25
N ASN B 244 10.52 -1.26 3.13
CA ASN B 244 9.11 -1.60 2.98
C ASN B 244 8.99 -3.05 2.51
N ASP B 245 9.09 -3.96 3.47
CA ASP B 245 9.01 -5.37 3.14
C ASP B 245 7.78 -6.03 3.76
N ASN B 246 6.92 -5.27 4.41
CA ASN B 246 5.69 -5.82 4.93
C ASN B 246 4.48 -5.09 4.36
N PRO B 247 3.52 -5.83 3.83
CA PRO B 247 2.30 -5.20 3.31
C PRO B 247 1.29 -5.00 4.43
N PRO B 248 0.40 -4.01 4.29
CA PRO B 248 -0.74 -3.90 5.21
C PRO B 248 -1.54 -5.19 5.28
N VAL B 249 -2.14 -5.44 6.44
CA VAL B 249 -2.96 -6.64 6.62
C VAL B 249 -4.23 -6.24 7.37
N PHE B 250 -5.38 -6.53 6.77
CA PHE B 250 -6.66 -6.21 7.41
C PHE B 250 -6.88 -7.09 8.63
N GLY B 251 -7.53 -6.52 9.65
CA GLY B 251 -7.77 -7.28 10.87
C GLY B 251 -8.70 -8.45 10.66
N SER B 252 -9.63 -8.31 9.74
CA SER B 252 -10.46 -9.41 9.31
C SER B 252 -10.39 -9.47 7.79
N SER B 253 -10.50 -10.68 7.26
CA SER B 253 -10.57 -10.85 5.82
C SER B 253 -11.99 -10.72 5.27
N HIS B 254 -13.01 -10.64 6.14
CA HIS B 254 -14.39 -10.46 5.70
C HIS B 254 -15.08 -9.53 6.67
N TYR B 255 -15.52 -8.39 6.18
CA TYR B 255 -16.37 -7.52 6.97
C TYR B 255 -17.81 -7.66 6.53
N GLN B 256 -18.70 -7.17 7.38
CA GLN B 256 -20.13 -7.37 7.21
C GLN B 256 -20.84 -6.25 7.95
N ALA B 257 -21.75 -5.55 7.27
CA ALA B 257 -22.53 -4.48 7.90
C ALA B 257 -23.95 -4.48 7.39
N GLY B 258 -24.86 -4.05 8.27
CA GLY B 258 -26.25 -3.87 7.94
C GLY B 258 -26.61 -2.41 8.03
N VAL B 259 -27.29 -1.90 7.02
CA VAL B 259 -27.58 -0.47 6.89
C VAL B 259 -29.02 -0.28 6.42
N PRO B 260 -29.84 0.45 7.17
CA PRO B 260 -31.17 0.77 6.65
C PRO B 260 -31.07 1.63 5.40
N GLU B 261 -32.00 1.43 4.47
CA GLU B 261 -31.93 2.12 3.20
C GLU B 261 -32.16 3.62 3.33
N ASP B 262 -32.67 4.09 4.45
CA ASP B 262 -32.93 5.51 4.64
C ASP B 262 -31.80 6.20 5.39
N ALA B 263 -30.67 5.53 5.61
CA ALA B 263 -29.54 6.16 6.26
C ALA B 263 -29.19 7.46 5.54
N VAL B 264 -29.01 8.55 6.30
CA VAL B 264 -28.69 9.83 5.65
C VAL B 264 -27.24 9.85 5.20
N VAL B 265 -26.94 10.81 4.32
CA VAL B 265 -25.60 11.03 3.78
C VAL B 265 -24.68 11.44 4.92
N GLY B 266 -23.44 10.96 4.86
CA GLY B 266 -22.48 11.19 5.91
C GLY B 266 -22.55 10.19 7.04
N SER B 267 -23.62 9.38 7.12
CA SER B 267 -23.71 8.45 8.23
C SER B 267 -22.74 7.28 8.04
N SER B 268 -22.27 6.76 9.15
CA SER B 268 -21.20 5.78 9.16
C SER B 268 -21.76 4.40 8.88
N VAL B 269 -21.03 3.60 8.14
CA VAL B 269 -21.51 2.31 7.70
C VAL B 269 -20.68 1.17 8.27
N LEU B 270 -19.36 1.26 8.13
CA LEU B 270 -18.48 0.20 8.59
C LEU B 270 -17.07 0.74 8.66
N GLN B 271 -16.38 0.40 9.73
CA GLN B 271 -14.99 0.81 9.92
C GLN B 271 -14.09 -0.38 9.66
N VAL B 272 -13.13 -0.22 8.76
CA VAL B 272 -12.12 -1.24 8.52
C VAL B 272 -10.81 -0.72 9.09
N ALA B 273 -9.88 -1.64 9.32
CA ALA B 273 -8.56 -1.24 9.83
C ALA B 273 -7.54 -2.31 9.49
N ALA B 274 -6.37 -1.88 9.02
CA ALA B 274 -5.27 -2.78 8.75
C ALA B 274 -4.05 -2.39 9.59
N ALA B 275 -3.15 -3.35 9.76
CA ALA B 275 -1.86 -3.10 10.39
C ALA B 275 -0.71 -3.38 9.44
N ASP B 276 0.42 -2.72 9.67
CA ASP B 276 1.59 -2.80 8.79
C ASP B 276 2.83 -2.88 9.68
N ALA B 277 3.54 -4.00 9.64
CA ALA B 277 4.59 -4.26 10.60
C ALA B 277 5.88 -3.45 10.38
N ASP B 278 5.95 -2.57 9.38
CA ASP B 278 7.12 -1.70 9.13
C ASP B 278 7.03 -0.42 9.98
N GLU B 279 7.78 0.63 9.62
CA GLU B 279 7.90 1.82 10.46
C GLU B 279 7.81 3.11 9.64
N GLY B 280 7.37 4.17 10.31
CA GLY B 280 7.29 5.47 9.66
C GLY B 280 6.35 5.48 8.46
N THR B 281 6.87 5.99 7.34
CA THR B 281 6.13 6.03 6.09
C THR B 281 5.81 4.64 5.58
N ASN B 282 6.70 3.69 5.82
CA ASN B 282 6.52 2.36 5.25
C ASN B 282 5.32 1.65 5.84
N ALA B 283 4.79 2.16 6.96
CA ALA B 283 3.63 1.57 7.61
C ALA B 283 2.47 2.57 7.72
N ASP B 284 2.53 3.68 7.00
CA ASP B 284 1.41 4.59 6.92
C ASP B 284 0.41 4.12 5.85
N ILE B 285 -0.85 3.91 6.25
CA ILE B 285 -1.81 3.21 5.40
C ILE B 285 -2.88 4.17 4.88
N ARG B 286 -3.17 4.07 3.59
CA ARG B 286 -4.29 4.75 2.97
C ARG B 286 -5.26 3.69 2.47
N TYR B 287 -6.53 3.85 2.82
CA TYR B 287 -7.58 2.90 2.48
C TYR B 287 -8.39 3.37 1.27
N ARG B 288 -8.85 2.42 0.47
CA ARG B 288 -9.68 2.80 -0.66
C ARG B 288 -10.58 1.64 -1.03
N LEU B 289 -11.73 1.97 -1.64
CA LEU B 289 -12.58 0.96 -2.27
C LEU B 289 -12.09 0.64 -3.68
N GLN B 290 -12.10 -0.65 -4.04
CA GLN B 290 -11.77 -1.02 -5.41
C GLN B 290 -12.81 -0.52 -6.40
N ASP B 291 -14.08 -0.75 -6.14
CA ASP B 291 -15.16 -0.28 -7.02
C ASP B 291 -15.55 1.12 -6.57
N GLU B 292 -15.28 2.12 -7.42
CA GLU B 292 -15.51 3.52 -7.12
C GLU B 292 -16.88 4.02 -7.60
N GLY B 293 -17.76 3.13 -8.02
CA GLY B 293 -19.08 3.52 -8.49
C GLY B 293 -20.23 3.10 -7.59
N THR B 294 -20.01 3.04 -6.28
CA THR B 294 -21.06 2.74 -5.32
C THR B 294 -21.50 4.00 -4.61
N PRO B 295 -22.63 3.96 -3.88
CA PRO B 295 -23.05 5.15 -3.14
C PRO B 295 -22.38 5.27 -1.78
N PHE B 296 -21.29 4.54 -1.56
CA PHE B 296 -20.50 4.62 -0.32
C PHE B 296 -19.17 5.32 -0.56
N GLN B 297 -18.47 5.60 0.54
CA GLN B 297 -17.28 6.41 0.52
C GLN B 297 -16.33 5.97 1.59
N MET B 298 -15.06 5.87 1.24
CA MET B 298 -14.05 5.39 2.15
C MET B 298 -13.10 6.52 2.48
N ASP B 299 -13.08 6.96 3.73
CA ASP B 299 -12.10 7.97 4.12
C ASP B 299 -10.69 7.36 4.01
N PRO B 300 -9.80 7.95 3.22
CA PRO B 300 -8.53 7.25 2.93
C PRO B 300 -7.64 7.08 4.15
N GLU B 301 -7.80 7.92 5.18
CA GLU B 301 -6.92 7.88 6.35
C GLU B 301 -7.51 7.10 7.53
N THR B 302 -8.81 7.12 7.74
CA THR B 302 -9.39 6.46 8.91
C THR B 302 -9.97 5.08 8.62
N GLY B 303 -10.12 4.70 7.36
CA GLY B 303 -10.80 3.45 7.03
C GLY B 303 -12.28 3.39 7.37
N LEU B 304 -12.94 4.51 7.65
CA LEU B 304 -14.39 4.52 7.85
C LEU B 304 -15.11 4.61 6.50
N ILE B 305 -16.05 3.70 6.27
CA ILE B 305 -16.96 3.81 5.12
C ILE B 305 -18.22 4.54 5.55
N THR B 306 -18.57 5.60 4.83
CA THR B 306 -19.80 6.35 5.07
C THR B 306 -20.68 6.35 3.84
N VAL B 307 -21.89 6.88 4.01
CA VAL B 307 -22.88 7.02 2.94
C VAL B 307 -22.65 8.34 2.21
N ARG B 308 -22.50 8.30 0.89
CA ARG B 308 -22.40 9.57 0.18
C ARG B 308 -23.60 9.88 -0.70
N GLU B 309 -24.29 8.86 -1.19
CA GLU B 309 -25.47 9.06 -2.02
C GLU B 309 -26.62 8.25 -1.43
N PRO B 310 -27.86 8.69 -1.58
CA PRO B 310 -28.98 7.98 -0.96
C PRO B 310 -29.11 6.54 -1.46
N LEU B 311 -29.37 5.64 -0.52
CA LEU B 311 -29.50 4.22 -0.84
C LEU B 311 -30.95 3.89 -1.20
N ASP B 312 -31.14 2.74 -1.84
CA ASP B 312 -32.48 2.32 -2.28
C ASP B 312 -32.52 0.80 -2.35
N PHE B 313 -33.08 0.19 -1.31
CA PHE B 313 -33.23 -1.27 -1.25
C PHE B 313 -33.93 -1.79 -2.48
N GLU B 314 -34.92 -1.05 -2.96
CA GLU B 314 -35.70 -1.47 -4.10
C GLU B 314 -34.86 -1.56 -5.35
N ALA B 315 -33.77 -0.79 -5.42
CA ALA B 315 -32.83 -0.79 -6.56
C ALA B 315 -31.68 -1.77 -6.38
N ARG B 316 -31.10 -1.86 -5.19
CA ARG B 316 -29.99 -2.78 -4.98
C ARG B 316 -29.95 -3.12 -3.51
N ARG B 317 -30.05 -4.43 -3.20
CA ARG B 317 -30.20 -4.86 -1.82
C ARG B 317 -28.88 -5.10 -1.12
N GLN B 318 -27.80 -5.35 -1.85
CA GLN B 318 -26.59 -5.71 -1.13
C GLN B 318 -25.38 -5.43 -2.01
N TYR B 319 -24.28 -5.06 -1.36
CA TYR B 319 -23.04 -4.72 -2.04
C TYR B 319 -21.91 -5.53 -1.41
N SER B 320 -21.27 -6.39 -2.19
CA SER B 320 -20.09 -7.09 -1.72
C SER B 320 -18.89 -6.41 -2.37
N LEU B 321 -18.14 -5.66 -1.57
CA LEU B 321 -17.11 -4.75 -2.03
C LEU B 321 -15.75 -5.24 -1.55
N THR B 322 -14.72 -5.01 -2.38
CA THR B 322 -13.34 -5.23 -1.99
C THR B 322 -12.73 -3.92 -1.48
N VAL B 323 -12.13 -3.97 -0.32
CA VAL B 323 -11.41 -2.84 0.25
C VAL B 323 -9.92 -3.11 0.07
N GLN B 324 -9.16 -2.08 -0.31
CA GLN B 324 -7.71 -2.14 -0.37
C GLN B 324 -7.11 -1.27 0.71
N ALA B 325 -5.95 -1.70 1.24
CA ALA B 325 -5.09 -0.88 2.09
C ALA B 325 -3.70 -0.82 1.48
N MET B 326 -3.15 0.39 1.39
CA MET B 326 -1.91 0.65 0.67
C MET B 326 -0.96 1.40 1.58
N ASP B 327 0.30 0.94 1.70
CA ASP B 327 1.16 1.73 2.55
C ASP B 327 1.79 2.84 1.71
N ARG B 328 2.52 3.73 2.37
CA ARG B 328 3.14 4.87 1.70
C ARG B 328 4.62 4.65 1.44
N GLY B 329 5.08 3.41 1.46
CA GLY B 329 6.44 3.12 1.06
C GLY B 329 6.63 3.23 -0.45
N VAL B 330 7.89 3.42 -0.85
CA VAL B 330 8.21 3.35 -2.27
C VAL B 330 8.78 1.95 -2.49
N PRO B 331 8.51 1.32 -3.64
CA PRO B 331 7.69 0.11 -3.64
C PRO B 331 6.59 0.19 -2.59
N SER B 332 5.40 0.63 -3.02
CA SER B 332 4.21 0.57 -2.19
C SER B 332 3.66 -0.85 -2.20
N LEU B 333 3.15 -1.30 -1.05
CA LEU B 333 2.51 -2.61 -0.98
C LEU B 333 1.06 -2.49 -0.52
N THR B 334 0.26 -3.51 -0.89
CA THR B 334 -1.19 -3.49 -0.77
C THR B 334 -1.76 -4.75 -0.10
N GLY B 335 -2.68 -4.55 0.82
CA GLY B 335 -3.49 -5.63 1.34
C GLY B 335 -4.93 -5.45 0.91
N ARG B 336 -5.72 -6.52 0.97
CA ARG B 336 -7.11 -6.50 0.50
C ARG B 336 -7.99 -7.28 1.45
N ALA B 337 -9.24 -6.85 1.60
CA ALA B 337 -10.25 -7.62 2.31
C ALA B 337 -11.59 -7.50 1.58
N GLU B 338 -12.57 -8.27 2.04
CA GLU B 338 -13.91 -8.22 1.51
C GLU B 338 -14.84 -7.56 2.52
N ALA B 339 -15.81 -6.81 2.02
CA ALA B 339 -16.81 -6.17 2.86
C ALA B 339 -18.19 -6.39 2.24
N LEU B 340 -19.10 -6.98 3.03
CA LEU B 340 -20.47 -7.24 2.60
C LEU B 340 -21.42 -6.31 3.35
N ILE B 341 -21.98 -5.34 2.64
CA ILE B 341 -22.93 -4.37 3.19
C ILE B 341 -24.32 -4.73 2.65
N GLN B 342 -25.18 -5.26 3.53
CA GLN B 342 -26.57 -5.56 3.20
C GLN B 342 -27.48 -4.39 3.60
N LEU B 343 -28.29 -3.93 2.67
CA LEU B 343 -29.27 -2.90 3.01
C LEU B 343 -30.50 -3.53 3.64
N LEU B 344 -31.15 -2.77 4.52
CA LEU B 344 -32.36 -3.21 5.21
C LEU B 344 -33.55 -2.44 4.66
N ASP B 345 -34.61 -3.17 4.29
CA ASP B 345 -35.78 -2.59 3.65
C ASP B 345 -36.55 -1.69 4.60
N VAL B 346 -36.88 -0.48 4.16
CA VAL B 346 -37.71 0.46 4.92
C VAL B 346 -39.06 0.57 4.22
N ASN B 347 -40.11 0.88 4.99
CA ASN B 347 -41.41 1.15 4.40
C ASN B 347 -41.41 2.57 3.85
N ASP B 348 -40.77 2.76 2.69
CA ASP B 348 -40.71 4.09 2.11
C ASP B 348 -41.51 4.22 0.80
N ASN B 349 -42.42 3.30 0.52
CA ASN B 349 -43.28 3.41 -0.67
C ASN B 349 -44.73 3.20 -0.29
N ASP B 350 -45.57 4.15 -0.67
CA ASP B 350 -47.02 4.00 -0.54
C ASP B 350 -47.52 2.86 -1.42
N PRO B 351 -48.52 2.13 -0.95
CA PRO B 351 -49.25 1.26 -1.88
C PRO B 351 -50.14 2.12 -2.76
N VAL B 352 -50.24 1.72 -4.03
CA VAL B 352 -51.04 2.42 -5.03
C VAL B 352 -52.09 1.45 -5.55
N VAL B 353 -53.26 2.01 -5.83
CA VAL B 353 -54.39 1.28 -6.42
C VAL B 353 -54.62 1.79 -7.84
N LYS B 354 -54.69 0.87 -8.78
CA LYS B 354 -55.05 1.19 -10.15
C LYS B 354 -56.29 0.40 -10.54
N PHE B 355 -57.19 1.06 -11.25
CA PHE B 355 -58.38 0.43 -11.79
C PHE B 355 -58.18 0.09 -13.26
N ARG B 356 -58.67 -1.08 -13.65
CA ARG B 356 -58.56 -1.54 -15.02
C ARG B 356 -59.96 -1.88 -15.54
N TYR B 357 -60.38 -1.24 -16.64
CA TYR B 357 -61.76 -1.36 -17.11
C TYR B 357 -61.81 -1.05 -18.61
N PHE B 358 -62.97 -1.30 -19.22
CA PHE B 358 -62.84 -1.64 -20.63
C PHE B 358 -62.80 -0.54 -21.67
N PRO B 359 -63.33 0.64 -21.41
CA PRO B 359 -62.76 1.72 -22.26
C PRO B 359 -61.50 2.26 -21.58
N ALA B 360 -60.38 1.54 -21.72
CA ALA B 360 -59.17 1.87 -20.95
C ALA B 360 -58.62 3.25 -21.27
N THR B 361 -58.90 3.75 -22.48
CA THR B 361 -58.49 5.10 -22.89
C THR B 361 -59.31 6.20 -22.22
N SER B 362 -60.33 5.81 -21.47
CA SER B 362 -61.24 6.73 -20.80
C SER B 362 -60.98 6.71 -19.30
N ARG B 363 -61.32 7.81 -18.63
CA ARG B 363 -61.21 7.87 -17.18
C ARG B 363 -62.46 7.38 -16.46
N TYR B 364 -63.47 6.90 -17.20
CA TYR B 364 -64.70 6.40 -16.62
C TYR B 364 -64.97 4.98 -17.10
N ALA B 365 -65.47 4.14 -16.21
CA ALA B 365 -65.94 2.83 -16.60
C ALA B 365 -67.38 2.92 -17.09
N SER B 366 -67.83 1.85 -17.72
CA SER B 366 -69.23 1.73 -18.08
C SER B 366 -69.68 0.30 -17.80
N VAL B 367 -70.94 0.18 -17.43
CA VAL B 367 -71.57 -1.12 -17.22
C VAL B 367 -72.98 -1.02 -17.75
N ASP B 368 -73.43 -2.01 -18.50
CA ASP B 368 -74.81 -1.97 -18.95
C ASP B 368 -75.75 -2.29 -17.79
N GLU B 369 -76.96 -1.73 -17.86
CA GLU B 369 -77.98 -1.98 -16.83
C GLU B 369 -78.38 -3.43 -16.80
N ASN B 370 -78.20 -4.15 -17.92
CA ASN B 370 -78.59 -5.54 -18.11
C ASN B 370 -77.61 -6.55 -17.48
N ALA B 371 -76.47 -6.10 -16.92
CA ALA B 371 -75.43 -7.02 -16.46
C ALA B 371 -75.87 -7.80 -15.21
N GLN B 372 -75.76 -9.13 -15.28
CA GLN B 372 -76.19 -9.98 -14.18
C GLN B 372 -75.29 -9.82 -12.97
N VAL B 373 -75.83 -10.15 -11.80
CA VAL B 373 -75.04 -10.16 -10.58
C VAL B 373 -73.87 -11.09 -10.77
N GLY B 374 -72.68 -10.64 -10.35
CA GLY B 374 -71.43 -11.34 -10.56
C GLY B 374 -70.60 -10.87 -11.75
N THR B 375 -71.09 -9.94 -12.56
CA THR B 375 -70.35 -9.44 -13.71
C THR B 375 -69.17 -8.56 -13.24
N VAL B 376 -67.97 -8.88 -13.73
CA VAL B 376 -66.81 -8.06 -13.41
C VAL B 376 -66.91 -6.76 -14.17
N VAL B 377 -66.85 -5.64 -13.46
CA VAL B 377 -66.84 -4.31 -14.04
C VAL B 377 -65.43 -3.73 -14.12
N ALA B 378 -64.58 -4.02 -13.13
CA ALA B 378 -63.22 -3.50 -13.11
C ALA B 378 -62.37 -4.37 -12.21
N LEU B 379 -61.07 -4.41 -12.53
CA LEU B 379 -60.05 -4.95 -11.63
C LEU B 379 -59.50 -3.84 -10.75
N LEU B 380 -59.17 -4.21 -9.53
CA LEU B 380 -58.49 -3.36 -8.56
C LEU B 380 -57.13 -4.01 -8.27
N THR B 381 -56.04 -3.45 -8.81
CA THR B 381 -54.70 -3.99 -8.61
C THR B 381 -53.91 -3.06 -7.67
N VAL B 382 -53.31 -3.64 -6.64
CA VAL B 382 -52.43 -2.93 -5.70
C VAL B 382 -50.95 -3.16 -6.08
N THR B 383 -50.16 -2.09 -6.06
CA THR B 383 -48.71 -2.15 -6.25
C THR B 383 -48.04 -1.41 -5.10
N ASP B 384 -47.10 -2.08 -4.42
CA ASP B 384 -46.29 -1.48 -3.34
C ASP B 384 -44.87 -1.99 -3.51
N ALA B 385 -43.93 -1.08 -3.80
CA ALA B 385 -42.60 -1.50 -4.21
C ALA B 385 -41.79 -2.14 -3.08
N ASP B 386 -42.18 -1.95 -1.82
CA ASP B 386 -41.44 -2.54 -0.74
C ASP B 386 -41.68 -4.05 -0.67
N SER B 387 -40.86 -4.71 0.15
CA SER B 387 -40.86 -6.15 0.36
C SER B 387 -41.86 -6.53 1.45
N PRO B 388 -42.26 -7.80 1.50
CA PRO B 388 -43.28 -8.21 2.48
C PRO B 388 -42.89 -7.93 3.92
N ALA B 389 -41.60 -7.86 4.23
CA ALA B 389 -41.19 -7.51 5.59
C ALA B 389 -41.69 -6.12 5.95
N ALA B 390 -41.20 -5.11 5.25
CA ALA B 390 -41.57 -3.73 5.54
C ALA B 390 -43.03 -3.43 5.26
N ASN B 391 -43.76 -4.27 4.53
CA ASN B 391 -45.14 -3.95 4.18
C ASN B 391 -46.18 -4.50 5.15
N GLY B 392 -45.92 -5.64 5.80
CA GLY B 392 -46.97 -6.25 6.60
C GLY B 392 -48.13 -6.68 5.72
N ASN B 393 -49.34 -6.66 6.29
CA ASN B 393 -50.56 -6.93 5.53
C ASN B 393 -50.99 -5.67 4.77
N ILE B 394 -51.37 -5.86 3.52
CA ILE B 394 -51.95 -4.81 2.70
C ILE B 394 -53.44 -5.08 2.55
N SER B 395 -54.25 -4.04 2.74
CA SER B 395 -55.69 -4.22 2.74
C SER B 395 -56.35 -3.08 1.97
N VAL B 396 -57.36 -3.43 1.19
CA VAL B 396 -58.17 -2.48 0.44
C VAL B 396 -59.53 -2.38 1.09
N GLN B 397 -60.01 -1.16 1.26
CA GLN B 397 -61.24 -0.89 1.97
C GLN B 397 -61.99 0.22 1.24
N ILE B 398 -63.31 0.08 1.15
CA ILE B 398 -64.13 0.98 0.34
C ILE B 398 -64.62 2.12 1.20
N LEU B 399 -64.43 3.35 0.71
CA LEU B 399 -64.63 4.57 1.47
C LEU B 399 -65.74 5.37 0.82
N GLY B 400 -66.96 4.89 0.91
CA GLY B 400 -68.08 5.62 0.37
C GLY B 400 -68.23 5.49 -1.13
N GLY B 401 -69.44 5.78 -1.60
CA GLY B 401 -69.80 5.61 -2.99
C GLY B 401 -70.73 4.44 -3.23
N ASN B 402 -70.69 3.43 -2.35
CA ASN B 402 -71.42 2.17 -2.53
C ASN B 402 -72.51 2.01 -1.47
N GLU B 403 -73.27 3.08 -1.18
CA GLU B 403 -74.28 3.02 -0.12
C GLU B 403 -75.47 2.17 -0.55
N GLN B 404 -75.69 2.03 -1.84
CA GLN B 404 -76.80 1.23 -2.32
C GLN B 404 -76.42 -0.24 -2.52
N ARG B 405 -75.15 -0.57 -2.26
CA ARG B 405 -74.69 -1.96 -2.30
C ARG B 405 -74.98 -2.60 -3.67
N HIS B 406 -74.84 -1.79 -4.73
CA HIS B 406 -75.03 -2.28 -6.09
C HIS B 406 -73.80 -2.96 -6.66
N PHE B 407 -72.63 -2.68 -6.08
CA PHE B 407 -71.39 -3.33 -6.46
C PHE B 407 -70.77 -3.92 -5.20
N GLU B 408 -69.78 -4.77 -5.39
CA GLU B 408 -69.03 -5.31 -4.28
C GLU B 408 -67.56 -5.41 -4.68
N VAL B 409 -66.70 -5.40 -3.68
CA VAL B 409 -65.26 -5.57 -3.90
C VAL B 409 -64.85 -6.87 -3.25
N GLN B 410 -64.26 -7.75 -4.04
CA GLN B 410 -64.04 -9.14 -3.66
C GLN B 410 -62.58 -9.46 -3.88
N SER B 411 -61.91 -9.93 -2.84
CA SER B 411 -60.52 -10.33 -3.02
C SER B 411 -60.50 -11.59 -3.85
N SER B 412 -59.62 -11.62 -4.84
CA SER B 412 -59.43 -12.83 -5.61
C SER B 412 -58.42 -13.74 -4.92
N LYS B 413 -58.20 -14.92 -5.49
CA LYS B 413 -57.23 -15.87 -4.95
C LYS B 413 -55.80 -15.50 -5.34
N VAL B 414 -55.59 -14.43 -6.08
CA VAL B 414 -54.25 -14.01 -6.46
C VAL B 414 -53.91 -12.77 -5.64
N PRO B 415 -52.72 -12.72 -5.02
CA PRO B 415 -52.40 -11.62 -4.08
C PRO B 415 -52.35 -10.30 -4.82
N ASN B 416 -52.94 -9.29 -4.20
CA ASN B 416 -52.98 -7.89 -4.61
C ASN B 416 -53.98 -7.59 -5.71
N LEU B 417 -54.79 -8.55 -6.14
CA LEU B 417 -55.85 -8.30 -7.11
C LEU B 417 -57.20 -8.54 -6.45
N SER B 418 -58.04 -7.51 -6.46
CA SER B 418 -59.47 -7.63 -6.15
C SER B 418 -60.32 -7.39 -7.39
N LEU B 419 -61.53 -7.94 -7.38
CA LEU B 419 -62.52 -7.75 -8.43
C LEU B 419 -63.65 -6.84 -7.97
N ILE B 420 -64.08 -5.93 -8.83
CA ILE B 420 -65.26 -5.12 -8.59
C ILE B 420 -66.40 -5.67 -9.45
N LYS B 421 -67.38 -6.28 -8.79
CA LYS B 421 -68.47 -6.99 -9.45
C LYS B 421 -69.78 -6.27 -9.24
N VAL B 422 -70.73 -6.56 -10.14
CA VAL B 422 -72.11 -6.15 -9.94
C VAL B 422 -72.72 -7.00 -8.85
N ALA B 423 -73.30 -6.35 -7.83
CA ALA B 423 -73.84 -7.05 -6.67
C ALA B 423 -75.36 -7.08 -6.61
N SER B 424 -76.04 -6.24 -7.37
CA SER B 424 -77.49 -6.09 -7.30
C SER B 424 -77.99 -5.57 -8.65
N ALA B 425 -79.30 -5.70 -8.87
CA ALA B 425 -79.88 -5.22 -10.12
C ALA B 425 -79.69 -3.72 -10.27
N LEU B 426 -79.44 -3.29 -11.50
CA LEU B 426 -79.24 -1.89 -11.82
C LEU B 426 -80.32 -1.39 -12.77
N ASP B 427 -80.47 -0.08 -12.81
CA ASP B 427 -81.18 0.58 -13.89
C ASP B 427 -80.82 2.06 -13.84
N ARG B 428 -80.46 2.60 -15.02
CA ARG B 428 -79.93 3.95 -15.13
C ARG B 428 -80.90 5.02 -14.63
N GLU B 429 -82.21 4.73 -14.64
CA GLU B 429 -83.24 5.70 -14.27
C GLU B 429 -83.13 6.07 -12.79
N ARG B 430 -82.90 5.09 -11.94
CA ARG B 430 -82.70 5.39 -10.52
C ARG B 430 -81.33 6.00 -10.28
N ILE B 431 -80.26 5.27 -10.64
CA ILE B 431 -78.90 5.78 -10.52
C ILE B 431 -78.16 5.62 -11.85
N PRO B 432 -77.83 6.72 -12.53
CA PRO B 432 -77.08 6.60 -13.79
C PRO B 432 -75.58 6.44 -13.63
N SER B 433 -75.01 6.83 -12.50
CA SER B 433 -73.56 6.79 -12.35
C SER B 433 -73.22 6.58 -10.88
N TYR B 434 -71.99 6.14 -10.64
CA TYR B 434 -71.49 5.93 -9.30
C TYR B 434 -70.04 6.38 -9.25
N ASN B 435 -69.60 6.78 -8.06
CA ASN B 435 -68.21 7.16 -7.82
C ASN B 435 -67.75 6.42 -6.57
N LEU B 436 -67.00 5.33 -6.76
CA LEU B 436 -66.50 4.52 -5.66
C LEU B 436 -65.09 4.95 -5.29
N THR B 437 -64.88 5.18 -3.99
CA THR B 437 -63.58 5.61 -3.47
C THR B 437 -63.06 4.52 -2.55
N VAL B 438 -61.87 4.02 -2.84
CA VAL B 438 -61.24 2.98 -2.04
C VAL B 438 -59.92 3.51 -1.48
N SER B 439 -59.56 3.08 -0.29
CA SER B 439 -58.25 3.39 0.27
C SER B 439 -57.49 2.09 0.45
N VAL B 440 -56.19 2.14 0.20
CA VAL B 440 -55.34 0.99 0.40
C VAL B 440 -54.33 1.34 1.49
N SER B 441 -53.90 0.32 2.24
CA SER B 441 -52.97 0.58 3.32
C SER B 441 -52.07 -0.64 3.56
N ASP B 442 -50.77 -0.39 3.72
CA ASP B 442 -49.88 -1.45 4.17
C ASP B 442 -49.81 -1.41 5.70
N ASN B 443 -49.31 -2.49 6.29
CA ASN B 443 -49.17 -2.59 7.76
C ASN B 443 -50.54 -2.44 8.44
N TYR B 444 -51.55 -3.04 7.82
CA TYR B 444 -52.90 -2.98 8.35
C TYR B 444 -53.04 -3.87 9.58
N GLY B 445 -53.73 -3.35 10.60
CA GLY B 445 -53.92 -4.09 11.82
C GLY B 445 -52.71 -4.22 12.72
N ALA B 446 -51.70 -3.34 12.54
CA ALA B 446 -50.53 -3.40 13.41
C ALA B 446 -50.87 -2.83 14.78
N PRO B 447 -50.36 -3.44 15.85
CA PRO B 447 -50.62 -2.94 17.20
C PRO B 447 -49.94 -1.61 17.43
N PRO B 448 -50.39 -0.85 18.43
CA PRO B 448 -49.77 0.46 18.70
C PRO B 448 -48.34 0.30 19.21
N GLY B 449 -47.51 1.29 18.88
CA GLY B 449 -46.11 1.23 19.24
C GLY B 449 -45.29 0.31 18.37
N ALA B 450 -45.82 -0.13 17.24
CA ALA B 450 -45.05 -0.95 16.32
C ALA B 450 -43.98 -0.11 15.63
N ALA B 451 -42.90 -0.78 15.22
CA ALA B 451 -41.73 -0.06 14.73
C ALA B 451 -41.95 0.54 13.34
N VAL B 452 -42.84 -0.04 12.54
CA VAL B 452 -43.01 0.39 11.16
C VAL B 452 -44.30 1.19 11.03
N GLN B 453 -44.16 2.42 10.51
CA GLN B 453 -45.29 3.29 10.23
C GLN B 453 -45.99 2.86 8.93
N ALA B 454 -47.32 2.88 8.95
CA ALA B 454 -48.11 2.43 7.82
C ALA B 454 -48.29 3.56 6.81
N ARG B 455 -48.37 3.18 5.54
CA ARG B 455 -48.53 4.13 4.46
C ARG B 455 -49.78 3.75 3.67
N SER B 456 -50.37 4.73 2.99
CA SER B 456 -51.70 4.55 2.44
C SER B 456 -51.95 5.56 1.33
N SER B 457 -52.89 5.21 0.45
CA SER B 457 -53.40 6.13 -0.56
C SER B 457 -54.87 5.83 -0.83
N VAL B 458 -55.50 6.73 -1.59
CA VAL B 458 -56.89 6.60 -2.00
C VAL B 458 -56.97 6.69 -3.52
N ALA B 459 -58.02 6.08 -4.07
CA ALA B 459 -58.27 6.07 -5.51
C ALA B 459 -59.77 5.97 -5.76
N SER B 460 -60.24 6.64 -6.81
CA SER B 460 -61.66 6.67 -7.13
C SER B 460 -61.91 6.08 -8.51
N LEU B 461 -63.07 5.44 -8.62
CA LEU B 461 -63.50 4.78 -9.85
C LEU B 461 -64.94 5.17 -10.10
N VAL B 462 -65.22 5.84 -11.21
CA VAL B 462 -66.58 6.24 -11.51
C VAL B 462 -67.13 5.36 -12.63
N ILE B 463 -68.43 5.02 -12.56
CA ILE B 463 -69.05 3.99 -13.38
C ILE B 463 -70.33 4.56 -13.94
N PHE B 464 -70.45 4.60 -15.25
CA PHE B 464 -71.68 4.98 -15.90
C PHE B 464 -72.45 3.71 -16.30
N VAL B 465 -73.77 3.81 -16.27
CA VAL B 465 -74.63 2.71 -16.66
C VAL B 465 -75.18 2.99 -18.05
N ASN B 466 -75.04 2.03 -18.97
CA ASN B 466 -75.64 2.11 -20.30
C ASN B 466 -76.92 1.30 -20.38
N ASP B 467 -77.62 1.45 -21.51
CA ASP B 467 -78.97 0.87 -21.58
C ASP B 467 -79.32 0.30 -22.97
#